data_1N2N
#
_entry.id   1N2N
#
_cell.length_a   214.800
_cell.length_b   214.800
_cell.length_c   117.600
_cell.angle_alpha   90.00
_cell.angle_beta   90.00
_cell.angle_gamma   120.00
#
_symmetry.space_group_name_H-M   'P 61 2 2'
#
loop_
_entity.id
_entity.type
_entity.pdbx_description
1 polymer 'Inducible Nitric Oxide Synthase'
2 non-polymer 'CYANIDE ION'
3 non-polymer 'ZINC ION'
4 non-polymer 'PROTOPORPHYRIN IX CONTAINING FE'
5 non-polymer 5,6,7,8-TETRAHYDROBIOPTERIN
6 non-polymer ARGININE
7 water water
#
_entity_poly.entity_id   1
_entity_poly.type   'polypeptide(L)'
_entity_poly.pdbx_seq_one_letter_code
;QYVRIKNWGSGEILHDTLHHKATSDFTCKSKSCLGSIMNPKSLTRGPRDKPTPLEELLPHAIEFINQYYGSFKEAKIEEH
LARLEAVTKEIETTGTYQLTLDELIFATKMAWRNAPRCIGRIQWSNLQVFDARNCSTAQEMFQHICRHILYATNNGNIRS
AITVFPQRSDGKHDFRLWNSQLIRYAGYQMPDGTIRGDAATLEFTQLCIDLGWKPRYGRFDVLPLVLQADGQDPEVFEIP
PDLVLEVTMEHPKYEWFQELGLKWYALPAVANMLLEVGGLEFPACPFNGWYMGTEIGVRDFCDTQRYNILEEVGRRMGLE
THTLASLWKDRAVTEINVAVLHSFQKQNVTIMDHHTASESFMKHMQNEYRARGGCPADWIWLVPPVSGSITPVFHQEMLN
YVLSPFYYYQIEPWKTHIW
;
_entity_poly.pdbx_strand_id   A,B
#
loop_
_chem_comp.id
_chem_comp.type
_chem_comp.name
_chem_comp.formula
CYN non-polymer 'CYANIDE ION' 'C N -1'
H4B non-polymer 5,6,7,8-TETRAHYDROBIOPTERIN 'C9 H15 N5 O3'
HEM non-polymer 'PROTOPORPHYRIN IX CONTAINING FE' 'C34 H32 Fe N4 O4'
ZN non-polymer 'ZINC ION' 'Zn 2'
#
# COMPACT_ATOMS: atom_id res chain seq x y z
N GLN A 1 48.59 -19.03 25.38
CA GLN A 1 48.39 -19.98 24.28
C GLN A 1 47.82 -19.26 23.07
N TYR A 2 47.84 -19.94 21.92
CA TYR A 2 47.33 -19.37 20.67
C TYR A 2 46.67 -20.41 19.79
N VAL A 3 46.47 -20.03 18.52
CA VAL A 3 45.87 -20.92 17.53
C VAL A 3 46.70 -20.83 16.25
N ARG A 4 47.23 -21.97 15.85
CA ARG A 4 48.07 -22.11 14.67
C ARG A 4 47.25 -22.02 13.38
N ILE A 5 47.66 -21.11 12.50
CA ILE A 5 47.00 -20.87 11.22
C ILE A 5 48.00 -21.04 10.10
N LYS A 6 47.69 -21.90 9.13
CA LYS A 6 48.59 -22.17 8.03
C LYS A 6 48.07 -21.75 6.66
N ASN A 7 48.98 -21.32 5.80
CA ASN A 7 48.63 -20.95 4.43
C ASN A 7 49.18 -22.03 3.50
N TRP A 8 48.30 -22.89 3.00
CA TRP A 8 48.72 -23.99 2.16
C TRP A 8 49.36 -23.65 0.84
N GLY A 9 49.45 -22.37 0.52
CA GLY A 9 50.07 -21.99 -0.74
C GLY A 9 51.54 -21.72 -0.54
N SER A 10 51.93 -21.47 0.71
CA SER A 10 53.31 -21.15 1.04
C SER A 10 53.80 -21.87 2.30
N GLY A 11 52.97 -22.74 2.86
CA GLY A 11 53.36 -23.47 4.06
C GLY A 11 53.64 -22.56 5.25
N GLU A 12 53.29 -21.29 5.12
CA GLU A 12 53.52 -20.32 6.17
C GLU A 12 52.56 -20.50 7.34
N ILE A 13 53.02 -20.17 8.53
CA ILE A 13 52.22 -20.28 9.74
C ILE A 13 52.13 -18.96 10.50
N LEU A 14 51.03 -18.82 11.25
CA LEU A 14 50.78 -17.63 12.04
C LEU A 14 50.15 -18.07 13.34
N HIS A 15 50.34 -17.26 14.38
CA HIS A 15 49.78 -17.54 15.70
C HIS A 15 48.74 -16.50 16.08
N ASP A 16 47.50 -16.94 16.25
CA ASP A 16 46.43 -16.01 16.59
C ASP A 16 46.18 -15.91 18.10
N THR A 17 46.48 -14.74 18.66
CA THR A 17 46.26 -14.52 20.08
C THR A 17 45.11 -13.52 20.23
N LEU A 18 44.95 -12.68 19.21
CA LEU A 18 43.92 -11.66 19.23
C LEU A 18 42.52 -12.22 19.42
N HIS A 19 42.32 -13.52 19.19
CA HIS A 19 40.97 -14.06 19.38
C HIS A 19 40.57 -14.13 20.85
N HIS A 20 41.52 -13.91 21.74
CA HIS A 20 41.22 -13.93 23.18
C HIS A 20 40.33 -12.75 23.54
N LYS A 21 40.48 -11.65 22.80
CA LYS A 21 39.68 -10.45 23.04
C LYS A 21 38.23 -10.65 22.55
N ALA A 22 37.94 -11.85 22.06
CA ALA A 22 36.61 -12.18 21.55
C ALA A 22 35.50 -11.75 22.50
N THR A 23 34.65 -10.86 22.02
CA THR A 23 33.54 -10.33 22.79
C THR A 23 32.80 -11.39 23.61
N SER A 24 31.77 -11.95 22.99
CA SER A 24 30.92 -12.95 23.61
C SER A 24 31.03 -14.29 22.87
N ASP A 25 29.94 -14.70 22.22
CA ASP A 25 29.92 -15.95 21.49
C ASP A 25 29.59 -15.75 20.01
N PHE A 26 30.16 -16.61 19.18
CA PHE A 26 29.91 -16.55 17.74
C PHE A 26 28.61 -17.35 17.56
N THR A 27 28.43 -17.97 16.40
CA THR A 27 27.19 -18.70 16.15
C THR A 27 27.38 -20.19 15.92
N CYS A 28 28.56 -20.69 16.26
CA CYS A 28 28.81 -22.11 16.09
C CYS A 28 28.68 -22.76 17.46
N LYS A 29 27.84 -23.79 17.52
CA LYS A 29 27.61 -24.53 18.75
C LYS A 29 28.91 -25.25 19.15
N SER A 30 28.82 -26.08 20.19
CA SER A 30 29.96 -26.85 20.66
C SER A 30 30.17 -28.03 19.71
N LYS A 31 29.06 -28.46 19.11
CA LYS A 31 29.06 -29.58 18.18
C LYS A 31 28.99 -29.15 16.70
N SER A 32 27.98 -28.35 16.37
CA SER A 32 27.79 -27.87 15.00
C SER A 32 28.52 -26.54 14.68
N CYS A 33 28.73 -26.31 13.38
CA CYS A 33 29.39 -25.11 12.87
C CYS A 33 28.42 -24.42 11.91
N LEU A 34 27.94 -23.24 12.31
CA LEU A 34 27.00 -22.46 11.52
C LEU A 34 27.73 -21.35 10.78
N GLY A 35 28.99 -21.62 10.43
CA GLY A 35 29.82 -20.63 9.75
C GLY A 35 29.38 -20.13 8.39
N SER A 36 28.42 -20.80 7.75
CA SER A 36 27.93 -20.36 6.43
C SER A 36 26.60 -19.63 6.51
N ILE A 37 26.12 -19.35 7.72
CA ILE A 37 24.86 -18.63 7.88
C ILE A 37 25.16 -17.15 7.59
N MET A 38 24.30 -16.52 6.78
CA MET A 38 24.46 -15.13 6.41
C MET A 38 24.20 -14.09 7.51
N ASN A 39 23.05 -14.19 8.17
CA ASN A 39 22.71 -13.22 9.21
C ASN A 39 22.39 -13.87 10.55
N PRO A 40 23.41 -14.49 11.18
CA PRO A 40 23.26 -15.14 12.48
C PRO A 40 23.06 -14.13 13.60
N LYS A 41 22.37 -14.53 14.64
CA LYS A 41 22.13 -13.64 15.77
C LYS A 41 23.43 -13.05 16.29
N SER A 42 24.47 -13.87 16.37
CA SER A 42 25.75 -13.38 16.86
C SER A 42 26.24 -12.13 16.11
N LEU A 43 25.79 -11.95 14.88
CA LEU A 43 26.22 -10.80 14.08
C LEU A 43 25.16 -9.68 14.04
N THR A 44 24.10 -9.84 14.80
CA THR A 44 23.03 -8.86 14.82
C THR A 44 22.87 -8.15 16.17
N ARG A 45 22.48 -6.88 16.11
CA ARG A 45 22.25 -6.09 17.32
C ARG A 45 20.85 -5.49 17.15
N GLY A 46 19.86 -6.09 17.82
CA GLY A 46 18.48 -5.65 17.72
C GLY A 46 18.02 -4.44 18.53
N PRO A 47 16.72 -4.09 18.43
CA PRO A 47 16.06 -2.95 19.11
C PRO A 47 16.10 -3.01 20.64
N ARG A 48 15.64 -1.93 21.27
CA ARG A 48 15.62 -1.85 22.72
C ARG A 48 14.39 -1.08 23.20
N ASP A 49 14.16 -1.15 24.51
CA ASP A 49 13.04 -0.47 25.17
C ASP A 49 13.57 0.47 26.24
N LYS A 50 14.59 0.01 26.95
CA LYS A 50 15.20 0.81 28.01
C LYS A 50 16.66 1.01 27.67
N PRO A 51 17.31 1.97 28.34
CA PRO A 51 18.73 2.23 28.07
C PRO A 51 19.59 1.06 28.51
N THR A 52 20.71 0.87 27.82
CA THR A 52 21.59 -0.23 28.17
C THR A 52 21.97 -0.17 29.65
N PRO A 53 21.66 -1.22 30.41
CA PRO A 53 21.94 -1.34 31.84
C PRO A 53 23.39 -0.98 32.22
N LEU A 54 23.54 -0.19 33.27
CA LEU A 54 24.85 0.26 33.75
C LEU A 54 25.80 -0.91 34.00
N GLU A 55 25.34 -1.91 34.76
CA GLU A 55 26.17 -3.08 35.06
C GLU A 55 26.92 -3.58 33.82
N GLU A 56 26.28 -3.54 32.65
CA GLU A 56 26.95 -3.97 31.44
C GLU A 56 27.61 -2.85 30.62
N LEU A 57 27.06 -1.64 30.67
CA LEU A 57 27.66 -0.52 29.92
C LEU A 57 29.01 -0.09 30.50
N LEU A 58 29.06 0.21 31.78
CA LEU A 58 30.28 0.66 32.44
C LEU A 58 31.55 -0.15 32.10
N PRO A 59 31.51 -1.49 32.21
CA PRO A 59 32.68 -2.32 31.89
C PRO A 59 33.11 -2.19 30.42
N HIS A 60 32.13 -2.09 29.52
CA HIS A 60 32.44 -1.96 28.08
C HIS A 60 33.13 -0.63 27.78
N ALA A 61 32.61 0.44 28.38
CA ALA A 61 33.18 1.77 28.19
C ALA A 61 34.63 1.80 28.69
N ILE A 62 34.87 1.11 29.80
CA ILE A 62 36.21 1.07 30.36
C ILE A 62 37.17 0.39 29.38
N GLU A 63 36.71 -0.70 28.78
CA GLU A 63 37.51 -1.47 27.82
C GLU A 63 37.89 -0.59 26.64
N PHE A 64 36.88 0.09 26.09
CA PHE A 64 37.12 0.96 24.95
C PHE A 64 38.09 2.10 25.28
N ILE A 65 37.89 2.75 26.43
CA ILE A 65 38.79 3.82 26.81
C ILE A 65 40.21 3.26 26.83
N ASN A 66 40.41 2.17 27.57
CA ASN A 66 41.73 1.55 27.65
C ASN A 66 42.25 1.23 26.26
N GLN A 67 41.38 0.67 25.44
CA GLN A 67 41.75 0.31 24.08
C GLN A 67 42.25 1.53 23.33
N TYR A 68 41.51 2.62 23.47
CA TYR A 68 41.85 3.88 22.81
C TYR A 68 43.20 4.45 23.26
N TYR A 69 43.41 4.54 24.57
CA TYR A 69 44.65 5.08 25.08
C TYR A 69 45.82 4.13 24.90
N GLY A 70 45.52 2.87 24.67
CA GLY A 70 46.57 1.89 24.48
C GLY A 70 47.10 1.85 23.05
N SER A 71 46.43 2.58 22.14
CA SER A 71 46.84 2.57 20.74
C SER A 71 47.90 3.62 20.41
N PHE A 72 48.06 4.62 21.29
CA PHE A 72 49.05 5.67 21.05
C PHE A 72 50.44 5.07 21.05
N LYS A 73 51.37 5.69 20.33
CA LYS A 73 52.74 5.17 20.29
C LYS A 73 53.31 5.44 21.67
N GLU A 74 53.12 6.68 22.13
CA GLU A 74 53.59 7.12 23.44
C GLU A 74 52.42 7.36 24.36
N ALA A 75 52.31 6.50 25.37
CA ALA A 75 51.22 6.57 26.34
C ALA A 75 51.08 7.91 27.05
N LYS A 76 49.84 8.19 27.42
CA LYS A 76 49.50 9.40 28.13
C LYS A 76 48.64 8.92 29.31
N ILE A 77 49.31 8.29 30.27
CA ILE A 77 48.65 7.72 31.44
C ILE A 77 47.74 8.68 32.17
N GLU A 78 48.28 9.85 32.50
CA GLU A 78 47.51 10.86 33.22
C GLU A 78 46.16 11.14 32.54
N GLU A 79 46.22 11.31 31.22
CA GLU A 79 45.01 11.56 30.42
C GLU A 79 44.17 10.30 30.36
N HIS A 80 44.86 9.17 30.33
CA HIS A 80 44.21 7.85 30.32
C HIS A 80 43.31 7.75 31.56
N LEU A 81 43.94 7.93 32.72
CA LEU A 81 43.24 7.86 34.00
C LEU A 81 42.14 8.91 34.16
N ALA A 82 42.42 10.14 33.72
CA ALA A 82 41.42 11.21 33.82
C ALA A 82 40.16 10.82 33.06
N ARG A 83 40.35 10.32 31.84
CA ARG A 83 39.24 9.90 31.00
C ARG A 83 38.43 8.76 31.64
N LEU A 84 39.10 7.74 32.16
CA LEU A 84 38.40 6.63 32.79
C LEU A 84 37.47 7.15 33.89
N GLU A 85 38.06 7.89 34.81
CA GLU A 85 37.32 8.47 35.92
C GLU A 85 36.11 9.27 35.43
N ALA A 86 36.33 10.15 34.47
CA ALA A 86 35.26 10.97 33.93
C ALA A 86 34.11 10.13 33.39
N VAL A 87 34.44 9.23 32.47
CA VAL A 87 33.42 8.37 31.86
C VAL A 87 32.64 7.61 32.93
N THR A 88 33.39 7.04 33.87
CA THR A 88 32.82 6.27 34.96
C THR A 88 31.77 7.10 35.69
N LYS A 89 32.13 8.32 36.08
CA LYS A 89 31.21 9.19 36.79
C LYS A 89 30.01 9.57 35.94
N GLU A 90 30.26 9.83 34.66
CA GLU A 90 29.21 10.23 33.76
C GLU A 90 28.16 9.12 33.59
N ILE A 91 28.64 7.90 33.35
CA ILE A 91 27.74 6.77 33.20
C ILE A 91 26.98 6.57 34.51
N GLU A 92 27.71 6.65 35.62
CA GLU A 92 27.11 6.49 36.94
C GLU A 92 26.09 7.59 37.29
N THR A 93 26.26 8.79 36.74
CA THR A 93 25.31 9.87 37.04
C THR A 93 24.26 10.17 35.98
N THR A 94 24.58 9.94 34.71
CA THR A 94 23.63 10.22 33.62
C THR A 94 23.02 8.98 33.00
N GLY A 95 23.62 7.82 33.25
CA GLY A 95 23.12 6.58 32.67
C GLY A 95 23.65 6.31 31.27
N THR A 96 24.74 6.98 30.90
CA THR A 96 25.36 6.81 29.59
C THR A 96 26.54 7.77 29.48
N TYR A 97 27.08 7.92 28.27
CA TYR A 97 28.22 8.83 28.07
C TYR A 97 28.46 9.15 26.61
N GLN A 98 29.12 10.28 26.39
CA GLN A 98 29.45 10.74 25.06
C GLN A 98 30.92 10.49 24.75
N LEU A 99 31.19 10.17 23.48
CA LEU A 99 32.55 9.94 23.05
C LEU A 99 33.16 11.25 22.58
N THR A 100 34.48 11.35 22.63
CA THR A 100 35.12 12.57 22.14
C THR A 100 35.24 12.33 20.65
N LEU A 101 35.51 13.40 19.89
CA LEU A 101 35.61 13.26 18.45
C LEU A 101 36.71 12.27 18.06
N ASP A 102 37.83 12.33 18.74
CA ASP A 102 38.94 11.45 18.44
C ASP A 102 38.69 10.00 18.81
N GLU A 103 37.88 9.77 19.83
CA GLU A 103 37.55 8.42 20.23
C GLU A 103 36.63 7.82 19.17
N LEU A 104 35.69 8.62 18.69
CA LEU A 104 34.75 8.20 17.64
C LEU A 104 35.46 7.87 16.34
N ILE A 105 36.44 8.70 15.97
CA ILE A 105 37.20 8.49 14.74
C ILE A 105 37.99 7.19 14.84
N PHE A 106 38.59 6.96 15.99
CA PHE A 106 39.35 5.74 16.28
C PHE A 106 38.42 4.54 16.18
N ALA A 107 37.27 4.65 16.84
CA ALA A 107 36.26 3.61 16.86
C ALA A 107 35.76 3.17 15.49
N THR A 108 35.49 4.12 14.59
CA THR A 108 34.98 3.79 13.27
C THR A 108 36.00 3.03 12.43
N LYS A 109 37.27 3.33 12.66
CA LYS A 109 38.36 2.70 11.95
C LYS A 109 38.66 1.32 12.52
N MET A 110 38.57 1.19 13.83
CA MET A 110 38.82 -0.10 14.48
C MET A 110 37.69 -1.06 14.10
N ALA A 111 36.47 -0.55 14.06
CA ALA A 111 35.33 -1.38 13.73
C ALA A 111 35.50 -1.89 12.30
N TRP A 112 36.03 -1.03 11.44
CA TRP A 112 36.27 -1.39 10.05
C TRP A 112 37.35 -2.46 10.06
N ARG A 113 38.37 -2.20 10.86
CA ARG A 113 39.50 -3.10 11.00
C ARG A 113 39.05 -4.46 11.55
N ASN A 114 37.99 -4.47 12.36
CA ASN A 114 37.46 -5.69 12.96
C ASN A 114 36.29 -6.29 12.16
N ALA A 115 36.12 -5.88 10.91
CA ALA A 115 35.03 -6.41 10.08
C ALA A 115 35.55 -7.63 9.32
N PRO A 116 35.31 -8.83 9.85
CA PRO A 116 35.76 -10.09 9.23
C PRO A 116 35.31 -10.39 7.81
N ARG A 117 34.27 -9.73 7.35
CA ARG A 117 33.78 -9.99 6.00
C ARG A 117 34.23 -8.97 4.97
N CYS A 118 35.09 -8.03 5.38
CA CYS A 118 35.57 -6.99 4.48
C CYS A 118 36.93 -7.30 3.88
N ILE A 119 36.99 -7.34 2.57
CA ILE A 119 38.23 -7.65 1.87
C ILE A 119 39.16 -6.45 1.74
N GLY A 120 38.62 -5.24 1.88
CA GLY A 120 39.45 -4.05 1.71
C GLY A 120 39.95 -3.33 2.94
N ARG A 121 40.14 -4.06 4.03
CA ARG A 121 40.59 -3.45 5.27
C ARG A 121 42.02 -2.91 5.31
N ILE A 122 42.80 -3.07 4.24
CA ILE A 122 44.15 -2.53 4.28
C ILE A 122 44.05 -1.00 4.26
N GLN A 123 42.88 -0.51 3.88
CA GLN A 123 42.60 0.91 3.82
C GLN A 123 42.05 1.46 5.14
N TRP A 124 41.93 0.61 6.16
CA TRP A 124 41.35 1.02 7.42
C TRP A 124 41.78 2.35 8.05
N SER A 125 43.03 2.75 7.90
CA SER A 125 43.45 4.02 8.50
C SER A 125 42.99 5.25 7.70
N ASN A 126 42.59 5.04 6.46
CA ASN A 126 42.11 6.13 5.60
C ASN A 126 40.59 6.17 5.63
N LEU A 127 40.01 6.92 6.56
CA LEU A 127 38.56 6.97 6.61
C LEU A 127 38.09 8.35 7.01
N GLN A 128 37.32 8.95 6.12
CA GLN A 128 36.79 10.27 6.39
C GLN A 128 35.60 10.01 7.29
N VAL A 129 35.56 10.73 8.40
CA VAL A 129 34.48 10.58 9.36
C VAL A 129 33.69 11.87 9.45
N PHE A 130 32.38 11.76 9.22
CA PHE A 130 31.49 12.91 9.29
C PHE A 130 30.67 12.77 10.57
N ASP A 131 30.92 13.68 11.50
CA ASP A 131 30.23 13.66 12.77
C ASP A 131 28.88 14.38 12.72
N ALA A 132 27.80 13.60 12.67
CA ALA A 132 26.46 14.14 12.63
C ALA A 132 25.69 13.75 13.90
N ARG A 133 26.42 13.65 15.01
CA ARG A 133 25.82 13.29 16.29
C ARG A 133 24.99 14.44 16.83
N ASN A 134 25.01 15.54 16.11
CA ASN A 134 24.31 16.78 16.42
C ASN A 134 22.93 16.78 15.77
N CYS A 135 22.81 16.04 14.68
CA CYS A 135 21.59 15.94 13.91
C CYS A 135 20.32 15.66 14.71
N SER A 136 19.21 16.25 14.31
CA SER A 136 17.95 16.04 15.02
C SER A 136 16.71 15.87 14.13
N THR A 137 16.79 16.29 12.87
CA THR A 137 15.64 16.16 11.97
C THR A 137 15.96 15.34 10.73
N ALA A 138 14.90 14.80 10.12
CA ALA A 138 15.05 14.00 8.92
C ALA A 138 15.73 14.77 7.80
N GLN A 139 15.31 16.02 7.60
CA GLN A 139 15.88 16.88 6.56
C GLN A 139 17.38 17.09 6.80
N GLU A 140 17.80 17.19 8.06
CA GLU A 140 19.22 17.36 8.37
C GLU A 140 20.00 16.08 8.05
N MET A 141 19.38 14.92 8.25
CA MET A 141 20.02 13.65 7.94
C MET A 141 20.22 13.65 6.43
N PHE A 142 19.14 13.93 5.72
CA PHE A 142 19.15 13.98 4.27
C PHE A 142 20.33 14.81 3.79
N GLN A 143 20.51 15.97 4.41
CA GLN A 143 21.60 16.87 4.05
C GLN A 143 22.96 16.24 4.31
N HIS A 144 23.14 15.65 5.48
CA HIS A 144 24.40 15.01 5.81
C HIS A 144 24.69 13.90 4.80
N ILE A 145 23.66 13.12 4.48
CA ILE A 145 23.80 12.03 3.53
C ILE A 145 24.20 12.54 2.14
N CYS A 146 23.62 13.67 1.72
CA CYS A 146 23.96 14.24 0.41
C CYS A 146 25.41 14.71 0.40
N ARG A 147 25.84 15.30 1.51
CA ARG A 147 27.22 15.79 1.65
C ARG A 147 28.16 14.58 1.58
N HIS A 148 27.79 13.50 2.26
CA HIS A 148 28.58 12.28 2.29
C HIS A 148 28.74 11.73 0.88
N ILE A 149 27.62 11.53 0.18
CA ILE A 149 27.65 11.02 -1.18
C ILE A 149 28.53 11.87 -2.09
N LEU A 150 28.40 13.18 -2.00
CA LEU A 150 29.17 14.09 -2.82
C LEU A 150 30.66 13.99 -2.53
N TYR A 151 31.00 13.85 -1.26
CA TYR A 151 32.41 13.74 -0.87
C TYR A 151 32.99 12.41 -1.27
N ALA A 152 32.24 11.34 -1.01
CA ALA A 152 32.68 9.98 -1.31
C ALA A 152 32.80 9.67 -2.80
N THR A 153 31.91 10.22 -3.62
CA THR A 153 31.96 9.97 -5.06
C THR A 153 33.15 10.71 -5.64
N ASN A 154 33.32 11.94 -5.21
CA ASN A 154 34.44 12.76 -5.66
C ASN A 154 34.67 12.65 -7.17
N ASN A 155 33.55 12.67 -7.91
CA ASN A 155 33.57 12.62 -9.36
C ASN A 155 34.30 11.40 -9.94
N GLY A 156 34.25 10.28 -9.23
CA GLY A 156 34.90 9.08 -9.72
C GLY A 156 36.11 8.65 -8.91
N ASN A 157 36.76 9.61 -8.26
CA ASN A 157 37.92 9.29 -7.44
C ASN A 157 37.39 8.98 -6.05
N ILE A 158 36.70 7.84 -5.94
CA ILE A 158 36.08 7.39 -4.72
C ILE A 158 36.93 7.51 -3.46
N ARG A 159 36.32 8.06 -2.41
CA ARG A 159 36.98 8.24 -1.13
C ARG A 159 36.13 7.57 -0.06
N SER A 160 36.76 6.79 0.80
CA SER A 160 36.06 6.09 1.88
C SER A 160 35.62 7.08 2.95
N ALA A 161 34.37 6.95 3.39
CA ALA A 161 33.85 7.84 4.41
C ALA A 161 32.71 7.21 5.18
N ILE A 162 32.43 7.78 6.35
CA ILE A 162 31.37 7.31 7.21
C ILE A 162 30.71 8.50 7.90
N THR A 163 29.39 8.43 8.05
CA THR A 163 28.66 9.49 8.71
C THR A 163 28.00 8.91 9.93
N VAL A 164 28.35 9.45 11.09
CA VAL A 164 27.83 8.97 12.35
C VAL A 164 26.71 9.85 12.90
N PHE A 165 25.52 9.28 13.04
CA PHE A 165 24.39 10.01 13.56
C PHE A 165 24.29 9.77 15.07
N PRO A 166 23.34 10.44 15.77
CA PRO A 166 23.22 10.24 17.21
C PRO A 166 23.14 8.80 17.70
N GLN A 167 23.88 8.52 18.77
CA GLN A 167 23.91 7.21 19.38
C GLN A 167 22.54 6.86 19.97
N ARG A 168 22.32 5.58 20.19
CA ARG A 168 21.06 5.12 20.74
C ARG A 168 20.97 5.56 22.21
N SER A 169 19.78 5.95 22.64
CA SER A 169 19.58 6.36 24.03
C SER A 169 18.76 5.31 24.75
N ASP A 170 17.44 5.44 24.68
CA ASP A 170 16.53 4.50 25.33
C ASP A 170 15.98 3.53 24.28
N GLY A 171 16.42 3.71 23.04
CA GLY A 171 15.98 2.83 21.98
C GLY A 171 14.63 3.17 21.40
N LYS A 172 14.03 4.25 21.87
CA LYS A 172 12.71 4.61 21.35
C LYS A 172 12.82 5.85 20.47
N HIS A 173 14.05 6.36 20.35
CA HIS A 173 14.35 7.54 19.54
C HIS A 173 15.48 7.27 18.52
N ASP A 174 15.58 6.02 18.08
CA ASP A 174 16.60 5.61 17.13
C ASP A 174 16.63 6.38 15.80
N PHE A 175 17.82 6.60 15.28
CA PHE A 175 17.98 7.23 13.97
C PHE A 175 18.23 6.04 13.06
N ARG A 176 17.50 5.95 11.95
CA ARG A 176 17.69 4.82 11.07
C ARG A 176 17.52 5.12 9.60
N LEU A 177 18.29 4.41 8.79
CA LEU A 177 18.17 4.50 7.36
C LEU A 177 17.48 3.19 7.06
N TRP A 178 16.38 3.27 6.35
CA TRP A 178 15.62 2.07 6.02
C TRP A 178 16.17 1.41 4.77
N ASN A 179 17.11 2.08 4.12
CA ASN A 179 17.72 1.57 2.90
C ASN A 179 18.82 0.52 3.17
N SER A 180 19.03 -0.37 2.21
CA SER A 180 20.08 -1.39 2.32
C SER A 180 21.39 -0.62 2.16
N GLN A 181 21.46 0.16 1.08
CA GLN A 181 22.61 0.99 0.77
C GLN A 181 22.03 2.36 0.40
N LEU A 182 22.88 3.38 0.39
CA LEU A 182 22.47 4.74 0.05
C LEU A 182 21.89 4.77 -1.35
N ILE A 183 22.64 4.19 -2.28
CA ILE A 183 22.21 4.14 -3.66
C ILE A 183 21.94 2.70 -4.07
N ARG A 184 20.73 2.42 -4.51
CA ARG A 184 20.33 1.09 -4.97
C ARG A 184 19.21 1.21 -5.98
N TYR A 185 19.01 0.18 -6.77
CA TYR A 185 17.96 0.20 -7.77
C TYR A 185 16.69 -0.42 -7.26
N ALA A 186 15.57 0.03 -7.81
CA ALA A 186 14.27 -0.47 -7.42
C ALA A 186 13.97 -1.78 -8.11
N GLY A 187 13.18 -2.62 -7.44
CA GLY A 187 12.77 -3.89 -8.01
C GLY A 187 11.25 -3.90 -7.99
N TYR A 188 10.62 -4.26 -9.10
CA TYR A 188 9.17 -4.28 -9.18
C TYR A 188 8.60 -5.62 -9.64
N GLN A 189 7.65 -6.17 -8.91
CA GLN A 189 7.04 -7.42 -9.37
C GLN A 189 5.85 -7.06 -10.26
N MET A 190 6.03 -7.25 -11.57
CA MET A 190 4.99 -6.94 -12.54
C MET A 190 3.79 -7.87 -12.41
N PRO A 191 2.64 -7.48 -13.00
CA PRO A 191 1.42 -8.28 -12.96
C PRO A 191 1.68 -9.72 -13.39
N ASP A 192 2.22 -9.87 -14.61
CA ASP A 192 2.54 -11.18 -15.18
C ASP A 192 3.33 -12.12 -14.26
N GLY A 193 4.07 -11.55 -13.31
CA GLY A 193 4.85 -12.35 -12.39
C GLY A 193 6.34 -12.01 -12.47
N THR A 194 6.80 -11.61 -13.66
CA THR A 194 8.19 -11.24 -13.87
C THR A 194 8.60 -10.06 -13.02
N ILE A 195 9.89 -10.00 -12.68
CA ILE A 195 10.44 -8.93 -11.88
C ILE A 195 11.20 -7.96 -12.79
N ARG A 196 11.04 -6.66 -12.54
CA ARG A 196 11.71 -5.65 -13.33
C ARG A 196 12.71 -4.93 -12.44
N GLY A 197 13.96 -4.84 -12.87
CA GLY A 197 14.96 -4.18 -12.04
C GLY A 197 15.66 -5.15 -11.11
N ASP A 198 16.08 -4.68 -9.94
CA ASP A 198 16.79 -5.52 -8.97
C ASP A 198 15.83 -6.23 -8.02
N ALA A 199 15.68 -7.53 -8.22
CA ALA A 199 14.78 -8.33 -7.39
C ALA A 199 15.07 -8.25 -5.89
N ALA A 200 16.34 -8.04 -5.56
CA ALA A 200 16.77 -7.98 -4.16
C ALA A 200 16.10 -6.88 -3.33
N THR A 201 15.60 -5.84 -3.98
CA THR A 201 14.96 -4.75 -3.26
C THR A 201 13.44 -4.70 -3.47
N LEU A 202 12.80 -5.86 -3.58
CA LEU A 202 11.35 -5.88 -3.78
C LEU A 202 10.58 -5.40 -2.55
N GLU A 203 10.90 -5.98 -1.41
CA GLU A 203 10.22 -5.60 -0.17
C GLU A 203 10.38 -4.09 0.08
N PHE A 204 11.60 -3.60 0.00
CA PHE A 204 11.88 -2.19 0.24
C PHE A 204 11.26 -1.26 -0.79
N THR A 205 11.38 -1.61 -2.06
CA THR A 205 10.81 -0.78 -3.10
C THR A 205 9.31 -0.66 -2.86
N GLN A 206 8.67 -1.79 -2.56
CA GLN A 206 7.24 -1.80 -2.30
C GLN A 206 6.96 -0.87 -1.10
N LEU A 207 7.86 -0.87 -0.13
CA LEU A 207 7.69 -0.01 1.04
C LEU A 207 7.69 1.44 0.63
N CYS A 208 8.65 1.84 -0.19
CA CYS A 208 8.74 3.23 -0.62
C CYS A 208 7.45 3.67 -1.30
N ILE A 209 6.93 2.80 -2.15
CA ILE A 209 5.70 3.08 -2.87
C ILE A 209 4.58 3.37 -1.87
N ASP A 210 4.54 2.60 -0.79
CA ASP A 210 3.52 2.80 0.23
C ASP A 210 3.69 4.15 0.90
N LEU A 211 4.93 4.59 1.04
CA LEU A 211 5.22 5.87 1.68
C LEU A 211 5.05 7.06 0.74
N GLY A 212 4.46 6.84 -0.43
CA GLY A 212 4.22 7.93 -1.35
C GLY A 212 5.17 8.10 -2.54
N TRP A 213 6.26 7.34 -2.56
CA TRP A 213 7.21 7.43 -3.65
C TRP A 213 6.53 6.96 -4.95
N LYS A 214 6.82 7.65 -6.05
CA LYS A 214 6.22 7.32 -7.35
C LYS A 214 7.05 6.29 -8.13
N PRO A 215 6.57 5.03 -8.20
CA PRO A 215 7.31 3.99 -8.92
C PRO A 215 7.43 4.31 -10.41
N ARG A 216 8.65 4.39 -10.92
CA ARG A 216 8.87 4.70 -12.32
C ARG A 216 9.01 3.42 -13.17
N TYR A 217 8.78 2.28 -12.52
CA TYR A 217 8.86 0.95 -13.15
C TYR A 217 10.01 0.73 -14.12
N GLY A 218 11.14 1.37 -13.84
CA GLY A 218 12.32 1.22 -14.68
C GLY A 218 13.12 -0.02 -14.32
N ARG A 219 14.26 -0.19 -14.99
CA ARG A 219 15.11 -1.35 -14.72
C ARG A 219 16.27 -0.88 -13.86
N PHE A 220 16.48 0.42 -13.82
CA PHE A 220 17.55 0.99 -13.03
C PHE A 220 17.12 2.30 -12.38
N ASP A 221 16.05 2.25 -11.60
CA ASP A 221 15.56 3.44 -10.93
C ASP A 221 16.15 3.56 -9.54
N VAL A 222 16.94 4.60 -9.33
CA VAL A 222 17.55 4.84 -8.03
C VAL A 222 16.42 5.01 -7.02
N LEU A 223 16.47 4.22 -5.95
CA LEU A 223 15.46 4.30 -4.90
C LEU A 223 15.62 5.59 -4.11
N PRO A 224 14.59 5.98 -3.36
CA PRO A 224 14.67 7.20 -2.57
C PRO A 224 15.27 6.89 -1.20
N LEU A 225 15.73 7.94 -0.51
CA LEU A 225 16.28 7.81 0.82
C LEU A 225 15.09 7.82 1.79
N VAL A 226 15.00 6.82 2.67
CA VAL A 226 13.91 6.75 3.63
C VAL A 226 14.56 6.94 4.99
N LEU A 227 14.40 8.14 5.54
CA LEU A 227 15.04 8.47 6.81
C LEU A 227 14.19 8.52 8.07
N GLN A 228 14.76 7.98 9.15
CA GLN A 228 14.11 7.96 10.44
C GLN A 228 14.95 8.73 11.45
N ALA A 229 14.40 9.82 11.96
CA ALA A 229 15.13 10.64 12.93
C ALA A 229 14.43 10.67 14.28
N ASP A 230 15.19 10.47 15.34
CA ASP A 230 14.63 10.51 16.69
C ASP A 230 13.40 9.61 16.85
N GLY A 231 13.52 8.36 16.42
CA GLY A 231 12.42 7.42 16.54
C GLY A 231 11.15 7.86 15.83
N GLN A 232 11.25 8.97 15.12
CA GLN A 232 10.15 9.56 14.36
C GLN A 232 9.86 8.67 13.12
N ASP A 233 8.66 8.75 12.58
CA ASP A 233 8.30 7.97 11.39
C ASP A 233 9.22 8.37 10.24
N PRO A 234 9.50 7.43 9.32
CA PRO A 234 10.38 7.67 8.17
C PRO A 234 9.82 8.63 7.12
N GLU A 235 10.71 9.45 6.57
CA GLU A 235 10.36 10.42 5.54
C GLU A 235 11.18 10.14 4.28
N VAL A 236 10.49 10.11 3.14
CA VAL A 236 11.11 9.82 1.86
C VAL A 236 11.83 11.03 1.26
N PHE A 237 13.03 10.78 0.72
CA PHE A 237 13.83 11.83 0.11
C PHE A 237 14.48 11.39 -1.21
N GLU A 238 14.08 12.02 -2.30
CA GLU A 238 14.66 11.70 -3.59
C GLU A 238 16.12 12.16 -3.53
N ILE A 239 17.03 11.40 -4.15
CA ILE A 239 18.43 11.77 -4.14
C ILE A 239 18.72 12.63 -5.36
N PRO A 240 19.31 13.82 -5.16
CA PRO A 240 19.61 14.68 -6.30
C PRO A 240 20.41 13.91 -7.35
N PRO A 241 19.80 13.69 -8.53
CA PRO A 241 20.46 12.95 -9.62
C PRO A 241 21.91 13.35 -9.92
N ASP A 242 22.24 14.63 -9.79
CA ASP A 242 23.61 15.08 -10.04
C ASP A 242 24.57 14.37 -9.10
N LEU A 243 24.09 14.00 -7.92
CA LEU A 243 24.92 13.31 -6.93
C LEU A 243 25.14 11.83 -7.20
N VAL A 244 24.26 11.21 -7.98
CA VAL A 244 24.39 9.79 -8.29
C VAL A 244 25.18 9.57 -9.58
N LEU A 245 26.39 9.03 -9.43
CA LEU A 245 27.26 8.75 -10.56
C LEU A 245 27.01 7.32 -11.00
N GLU A 246 26.86 7.13 -12.31
CA GLU A 246 26.59 5.81 -12.84
C GLU A 246 27.53 5.46 -13.98
N VAL A 247 27.85 4.18 -14.09
CA VAL A 247 28.73 3.69 -15.14
C VAL A 247 27.94 2.83 -16.09
N THR A 248 28.01 3.15 -17.38
CA THR A 248 27.29 2.38 -18.40
C THR A 248 28.23 1.29 -18.87
N MET A 249 27.71 0.08 -18.97
CA MET A 249 28.50 -1.08 -19.35
C MET A 249 28.70 -1.33 -20.84
N GLU A 250 29.95 -1.59 -21.22
CA GLU A 250 30.33 -1.88 -22.59
C GLU A 250 31.57 -2.78 -22.55
N HIS A 251 31.64 -3.77 -23.44
CA HIS A 251 32.79 -4.67 -23.48
C HIS A 251 33.84 -4.07 -24.40
N PRO A 252 35.13 -4.26 -24.07
CA PRO A 252 36.21 -3.70 -24.91
C PRO A 252 36.35 -4.35 -26.29
N LYS A 253 35.69 -5.49 -26.49
CA LYS A 253 35.79 -6.18 -27.77
C LYS A 253 34.42 -6.52 -28.32
N TYR A 254 33.46 -6.78 -27.44
CA TYR A 254 32.12 -7.12 -27.92
C TYR A 254 31.25 -5.87 -27.90
N GLU A 255 31.01 -5.30 -29.07
CA GLU A 255 30.19 -4.09 -29.20
C GLU A 255 28.74 -4.35 -28.83
N TRP A 256 28.34 -5.62 -28.82
CA TRP A 256 26.97 -5.95 -28.47
C TRP A 256 26.73 -5.94 -26.96
N PHE A 257 27.81 -5.83 -26.19
CA PHE A 257 27.62 -5.81 -24.74
C PHE A 257 26.84 -4.55 -24.38
N GLN A 258 27.18 -3.47 -25.07
CA GLN A 258 26.52 -2.19 -24.86
C GLN A 258 25.01 -2.33 -25.06
N GLU A 259 24.62 -3.07 -26.08
CA GLU A 259 23.22 -3.30 -26.40
C GLU A 259 22.39 -3.97 -25.32
N LEU A 260 23.05 -4.45 -24.28
CA LEU A 260 22.36 -5.12 -23.17
C LEU A 260 21.71 -4.06 -22.28
N GLY A 261 22.23 -2.84 -22.35
CA GLY A 261 21.70 -1.73 -21.60
C GLY A 261 21.98 -1.77 -20.12
N LEU A 262 23.11 -2.35 -19.74
CA LEU A 262 23.47 -2.45 -18.33
C LEU A 262 24.18 -1.21 -17.82
N LYS A 263 23.99 -0.93 -16.55
CA LYS A 263 24.63 0.20 -15.92
C LYS A 263 24.61 -0.09 -14.42
N TRP A 264 25.49 0.56 -13.68
CA TRP A 264 25.50 0.36 -12.25
C TRP A 264 25.99 1.65 -11.63
N TYR A 265 25.68 1.87 -10.37
CA TYR A 265 26.16 3.06 -9.69
C TYR A 265 27.61 2.87 -9.28
N ALA A 266 28.32 3.97 -9.10
CA ALA A 266 29.72 3.94 -8.74
C ALA A 266 30.02 3.84 -7.26
N LEU A 267 29.06 4.19 -6.41
CA LEU A 267 29.28 4.20 -4.97
C LEU A 267 28.62 3.09 -4.16
N PRO A 268 29.42 2.16 -3.61
CA PRO A 268 28.82 1.10 -2.80
C PRO A 268 28.80 1.65 -1.38
N ALA A 269 27.60 1.87 -0.83
CA ALA A 269 27.53 2.44 0.50
C ALA A 269 26.52 1.79 1.46
N VAL A 270 27.00 0.87 2.28
CA VAL A 270 26.14 0.18 3.24
C VAL A 270 25.52 1.22 4.15
N ALA A 271 24.19 1.23 4.22
CA ALA A 271 23.50 2.23 5.00
C ALA A 271 22.73 1.74 6.22
N ASN A 272 22.63 0.44 6.40
CA ASN A 272 21.83 -0.07 7.50
C ASN A 272 22.51 -0.86 8.63
N MET A 273 23.77 -0.62 8.90
CA MET A 273 24.40 -1.34 9.98
C MET A 273 24.51 -0.53 11.25
N LEU A 274 24.83 -1.20 12.35
CA LEU A 274 24.96 -0.54 13.63
C LEU A 274 26.40 -0.56 14.12
N LEU A 275 26.89 0.60 14.54
CA LEU A 275 28.25 0.68 15.04
C LEU A 275 28.23 0.60 16.57
N GLU A 276 28.91 -0.40 17.10
CA GLU A 276 28.98 -0.59 18.54
C GLU A 276 30.39 -0.24 19.02
N VAL A 277 30.47 0.55 20.08
CA VAL A 277 31.75 0.95 20.65
C VAL A 277 31.59 1.20 22.13
N GLY A 278 32.45 0.59 22.94
CA GLY A 278 32.37 0.77 24.37
C GLY A 278 30.96 0.78 24.96
N GLY A 279 30.12 -0.14 24.52
CA GLY A 279 28.77 -0.23 25.04
C GLY A 279 27.76 0.64 24.32
N LEU A 280 28.23 1.66 23.62
CA LEU A 280 27.32 2.55 22.91
C LEU A 280 26.97 1.91 21.58
N GLU A 281 25.80 2.26 21.05
CA GLU A 281 25.33 1.72 19.78
C GLU A 281 24.84 2.83 18.85
N PHE A 282 25.35 2.86 17.62
CA PHE A 282 24.93 3.84 16.64
C PHE A 282 24.19 3.10 15.54
N PRO A 283 22.84 3.13 15.56
CA PRO A 283 22.06 2.43 14.54
C PRO A 283 21.97 3.13 13.20
N ALA A 284 22.62 4.28 13.09
CA ALA A 284 22.63 5.03 11.85
C ALA A 284 24.04 5.53 11.61
N CYS A 285 24.75 4.90 10.69
CA CYS A 285 26.12 5.28 10.38
C CYS A 285 26.51 4.75 9.00
N PRO A 286 25.99 5.38 7.95
CA PRO A 286 26.28 4.97 6.58
C PRO A 286 27.76 5.14 6.27
N PHE A 287 28.33 4.15 5.60
CA PHE A 287 29.73 4.22 5.23
C PHE A 287 29.90 3.68 3.82
N ASN A 288 31.06 3.90 3.23
CA ASN A 288 31.30 3.43 1.88
C ASN A 288 32.77 3.22 1.61
N GLY A 289 33.04 2.38 0.62
CA GLY A 289 34.40 2.13 0.19
C GLY A 289 34.26 2.30 -1.32
N TRP A 290 34.99 1.49 -2.08
CA TRP A 290 34.84 1.53 -3.53
C TRP A 290 34.57 0.09 -3.92
N TYR A 291 34.13 -0.12 -5.15
CA TYR A 291 33.78 -1.46 -5.62
C TYR A 291 34.89 -2.44 -5.97
N MET A 292 34.55 -3.72 -5.84
CA MET A 292 35.43 -4.80 -6.24
C MET A 292 34.65 -5.33 -7.44
N GLY A 293 35.33 -5.45 -8.58
CA GLY A 293 34.69 -5.91 -9.81
C GLY A 293 33.64 -6.99 -9.74
N THR A 294 33.92 -8.03 -8.97
CA THR A 294 33.02 -9.16 -8.83
C THR A 294 31.68 -8.88 -8.13
N GLU A 295 31.60 -7.83 -7.35
CA GLU A 295 30.34 -7.54 -6.67
C GLU A 295 29.28 -7.21 -7.72
N ILE A 296 29.67 -6.43 -8.72
CA ILE A 296 28.78 -6.01 -9.79
C ILE A 296 28.70 -7.04 -10.90
N GLY A 297 29.86 -7.41 -11.42
CA GLY A 297 29.91 -8.37 -12.51
C GLY A 297 29.43 -9.77 -12.21
N VAL A 298 29.74 -10.28 -11.03
CA VAL A 298 29.34 -11.63 -10.68
C VAL A 298 28.03 -11.72 -9.92
N ARG A 299 27.97 -11.05 -8.78
CA ARG A 299 26.79 -11.09 -7.93
C ARG A 299 25.62 -10.26 -8.44
N ASP A 300 25.80 -8.94 -8.56
CA ASP A 300 24.74 -8.07 -9.01
C ASP A 300 24.14 -8.43 -10.38
N PHE A 301 24.98 -8.77 -11.37
CA PHE A 301 24.47 -9.11 -12.70
C PHE A 301 24.17 -10.59 -12.93
N CYS A 302 25.04 -11.47 -12.45
CA CYS A 302 24.83 -12.91 -12.66
C CYS A 302 24.01 -13.69 -11.64
N ASP A 303 23.94 -13.22 -10.40
CA ASP A 303 23.15 -13.94 -9.40
C ASP A 303 21.76 -14.21 -9.93
N THR A 304 21.34 -15.46 -9.87
CA THR A 304 20.02 -15.82 -10.36
C THR A 304 18.97 -14.93 -9.67
N GLN A 305 19.17 -14.64 -8.39
CA GLN A 305 18.24 -13.79 -7.62
C GLN A 305 18.42 -12.28 -7.85
N ARG A 306 19.27 -11.89 -8.80
CA ARG A 306 19.47 -10.48 -9.11
C ARG A 306 19.16 -10.27 -10.58
N TYR A 307 20.01 -9.55 -11.32
CA TYR A 307 19.72 -9.30 -12.75
C TYR A 307 19.82 -10.48 -13.71
N ASN A 308 20.22 -11.64 -13.18
CA ASN A 308 20.32 -12.89 -13.93
C ASN A 308 20.58 -12.78 -15.45
N ILE A 309 21.68 -12.13 -15.83
CA ILE A 309 22.00 -11.95 -17.25
C ILE A 309 22.92 -12.97 -17.91
N LEU A 310 23.38 -14.00 -17.19
CA LEU A 310 24.29 -15.00 -17.77
C LEU A 310 23.80 -15.66 -19.05
N GLU A 311 22.59 -16.20 -19.00
CA GLU A 311 21.99 -16.87 -20.13
C GLU A 311 22.07 -16.00 -21.39
N GLU A 312 21.66 -14.75 -21.27
CA GLU A 312 21.66 -13.84 -22.40
C GLU A 312 23.06 -13.56 -22.92
N VAL A 313 24.01 -13.37 -22.03
CA VAL A 313 25.38 -13.10 -22.45
C VAL A 313 25.94 -14.33 -23.13
N GLY A 314 25.45 -15.50 -22.72
CA GLY A 314 25.90 -16.75 -23.31
C GLY A 314 25.46 -16.90 -24.75
N ARG A 315 24.17 -16.69 -25.00
CA ARG A 315 23.61 -16.79 -26.35
C ARG A 315 24.39 -15.85 -27.25
N ARG A 316 24.49 -14.59 -26.83
CA ARG A 316 25.19 -13.58 -27.59
C ARG A 316 26.68 -13.85 -27.82
N MET A 317 27.23 -14.85 -27.14
CA MET A 317 28.64 -15.22 -27.34
C MET A 317 28.63 -16.51 -28.17
N GLY A 318 27.42 -17.02 -28.42
CA GLY A 318 27.24 -18.23 -29.22
C GLY A 318 27.80 -19.49 -28.57
N LEU A 319 27.57 -19.64 -27.28
CA LEU A 319 28.07 -20.78 -26.53
C LEU A 319 26.98 -21.83 -26.38
N GLU A 320 27.37 -23.07 -26.08
CA GLU A 320 26.39 -24.14 -25.90
C GLU A 320 25.63 -23.93 -24.60
N THR A 321 24.80 -22.89 -24.59
CA THR A 321 24.01 -22.51 -23.42
C THR A 321 23.11 -23.60 -22.84
N HIS A 322 22.92 -24.69 -23.58
CA HIS A 322 22.06 -25.77 -23.10
C HIS A 322 22.86 -27.02 -22.72
N THR A 323 24.17 -26.86 -22.62
CA THR A 323 25.03 -27.96 -22.25
C THR A 323 25.90 -27.44 -21.13
N LEU A 324 25.38 -27.60 -19.92
CA LEU A 324 26.03 -27.14 -18.71
C LEU A 324 27.49 -27.60 -18.69
N ALA A 325 27.73 -28.83 -19.10
CA ALA A 325 29.06 -29.41 -19.10
C ALA A 325 30.07 -28.72 -20.00
N SER A 326 29.61 -27.79 -20.83
CA SER A 326 30.51 -27.10 -21.74
C SER A 326 31.28 -25.98 -21.06
N LEU A 327 30.86 -25.61 -19.85
CA LEU A 327 31.50 -24.54 -19.09
C LEU A 327 31.25 -23.14 -19.69
N TRP A 328 30.13 -22.96 -20.38
CA TRP A 328 29.82 -21.68 -20.98
C TRP A 328 29.65 -20.58 -19.93
N LYS A 329 29.08 -20.94 -18.78
CA LYS A 329 28.88 -19.98 -17.71
C LYS A 329 30.22 -19.39 -17.34
N ASP A 330 31.23 -20.26 -17.23
CA ASP A 330 32.58 -19.85 -16.88
C ASP A 330 33.09 -18.80 -17.86
N ARG A 331 32.81 -18.98 -19.15
CA ARG A 331 33.26 -18.05 -20.17
C ARG A 331 32.51 -16.73 -20.15
N ALA A 332 31.18 -16.80 -20.08
CA ALA A 332 30.38 -15.59 -20.05
C ALA A 332 30.74 -14.73 -18.84
N VAL A 333 30.72 -15.35 -17.66
CA VAL A 333 31.01 -14.65 -16.41
C VAL A 333 32.31 -13.88 -16.50
N THR A 334 33.29 -14.41 -17.22
CA THR A 334 34.56 -13.72 -17.34
C THR A 334 34.44 -12.50 -18.25
N GLU A 335 33.68 -12.63 -19.32
CA GLU A 335 33.51 -11.51 -20.23
C GLU A 335 32.73 -10.38 -19.55
N ILE A 336 31.80 -10.75 -18.68
CA ILE A 336 31.03 -9.74 -17.94
C ILE A 336 31.94 -8.98 -16.98
N ASN A 337 32.83 -9.72 -16.31
CA ASN A 337 33.77 -9.10 -15.38
C ASN A 337 34.74 -8.18 -16.09
N VAL A 338 35.10 -8.52 -17.32
CA VAL A 338 36.03 -7.68 -18.07
C VAL A 338 35.34 -6.38 -18.49
N ALA A 339 34.06 -6.48 -18.82
CA ALA A 339 33.28 -5.33 -19.22
C ALA A 339 33.18 -4.36 -18.04
N VAL A 340 32.82 -4.89 -16.87
CA VAL A 340 32.69 -4.10 -15.66
C VAL A 340 33.98 -3.35 -15.33
N LEU A 341 35.10 -4.05 -15.31
CA LEU A 341 36.36 -3.39 -15.00
C LEU A 341 36.71 -2.35 -16.08
N HIS A 342 36.53 -2.74 -17.33
CA HIS A 342 36.81 -1.87 -18.46
C HIS A 342 35.97 -0.59 -18.38
N SER A 343 34.68 -0.76 -18.13
CA SER A 343 33.76 0.37 -18.05
C SER A 343 34.12 1.38 -16.96
N PHE A 344 34.41 0.89 -15.76
CA PHE A 344 34.76 1.76 -14.64
C PHE A 344 36.06 2.51 -14.95
N GLN A 345 37.02 1.81 -15.54
CA GLN A 345 38.29 2.42 -15.86
C GLN A 345 38.17 3.44 -16.98
N LYS A 346 37.32 3.17 -17.97
CA LYS A 346 37.19 4.12 -19.05
C LYS A 346 36.52 5.41 -18.58
N GLN A 347 35.63 5.31 -17.60
CA GLN A 347 34.95 6.50 -17.10
C GLN A 347 35.59 7.03 -15.82
N ASN A 348 36.83 6.59 -15.59
CA ASN A 348 37.64 6.98 -14.44
C ASN A 348 36.98 6.87 -13.08
N VAL A 349 36.30 5.76 -12.85
CA VAL A 349 35.66 5.51 -11.57
C VAL A 349 36.50 4.45 -10.86
N THR A 350 36.94 4.77 -9.65
CA THR A 350 37.75 3.85 -8.87
C THR A 350 37.10 2.47 -8.80
N ILE A 351 37.91 1.43 -8.95
CA ILE A 351 37.44 0.05 -8.89
C ILE A 351 38.62 -0.90 -8.83
N MET A 352 38.41 -2.03 -8.19
CA MET A 352 39.46 -3.02 -8.03
C MET A 352 39.02 -4.42 -8.41
N ASP A 353 39.91 -5.12 -9.12
CA ASP A 353 39.65 -6.49 -9.54
C ASP A 353 39.86 -7.38 -8.31
N HIS A 354 39.22 -8.55 -8.29
CA HIS A 354 39.32 -9.47 -7.16
C HIS A 354 40.68 -10.11 -6.90
N HIS A 355 41.51 -10.24 -7.91
CA HIS A 355 42.83 -10.83 -7.72
C HIS A 355 43.67 -9.83 -6.93
N THR A 356 43.70 -8.59 -7.42
CA THR A 356 44.46 -7.54 -6.77
C THR A 356 43.96 -7.34 -5.34
N ALA A 357 42.64 -7.34 -5.16
CA ALA A 357 42.05 -7.16 -3.84
C ALA A 357 42.48 -8.30 -2.92
N SER A 358 42.50 -9.51 -3.48
CA SER A 358 42.89 -10.68 -2.75
C SER A 358 44.33 -10.57 -2.25
N GLU A 359 45.24 -10.25 -3.16
CA GLU A 359 46.64 -10.10 -2.78
C GLU A 359 46.80 -8.97 -1.78
N SER A 360 45.97 -7.94 -1.94
CA SER A 360 46.00 -6.80 -1.06
C SER A 360 45.62 -7.23 0.35
N PHE A 361 44.51 -7.95 0.47
CA PHE A 361 44.08 -8.41 1.78
C PHE A 361 45.15 -9.24 2.45
N MET A 362 45.73 -10.19 1.71
CA MET A 362 46.78 -11.04 2.24
C MET A 362 47.90 -10.22 2.85
N LYS A 363 48.14 -9.03 2.32
CA LYS A 363 49.18 -8.14 2.84
C LYS A 363 48.71 -7.55 4.15
N HIS A 364 47.44 -7.17 4.19
CA HIS A 364 46.85 -6.60 5.38
C HIS A 364 46.88 -7.60 6.52
N MET A 365 46.46 -8.82 6.22
CA MET A 365 46.42 -9.87 7.21
C MET A 365 47.78 -10.10 7.85
N GLN A 366 48.82 -10.10 7.03
CA GLN A 366 50.16 -10.30 7.55
C GLN A 366 50.51 -9.15 8.47
N ASN A 367 50.25 -7.91 8.05
CA ASN A 367 50.52 -6.74 8.89
C ASN A 367 49.80 -6.84 10.22
N GLU A 368 48.56 -7.34 10.17
CA GLU A 368 47.75 -7.48 11.38
C GLU A 368 48.30 -8.47 12.41
N TYR A 369 48.69 -9.65 11.97
CA TYR A 369 49.23 -10.64 12.89
C TYR A 369 50.49 -10.07 13.52
N ARG A 370 51.20 -9.35 12.68
CA ARG A 370 52.47 -8.73 13.00
C ARG A 370 52.28 -7.49 13.86
N ALA A 371 51.06 -6.95 13.91
CA ALA A 371 50.77 -5.75 14.69
C ALA A 371 50.01 -6.06 15.97
N ARG A 372 49.15 -7.07 15.94
CA ARG A 372 48.40 -7.42 17.13
C ARG A 372 48.03 -8.88 17.26
N GLY A 373 48.86 -9.74 16.66
CA GLY A 373 48.65 -11.18 16.73
C GLY A 373 47.26 -11.70 16.40
N GLY A 374 46.72 -11.23 15.29
CA GLY A 374 45.40 -11.68 14.89
C GLY A 374 44.75 -10.80 13.85
N CYS A 375 43.67 -11.31 13.28
CA CYS A 375 42.90 -10.60 12.26
C CYS A 375 41.65 -11.40 12.00
N PRO A 376 40.52 -11.00 12.60
CA PRO A 376 39.29 -11.77 12.36
C PRO A 376 39.03 -11.83 10.85
N ALA A 377 38.67 -13.01 10.36
CA ALA A 377 38.45 -13.16 8.94
C ALA A 377 37.41 -14.23 8.63
N ASP A 378 36.46 -13.86 7.77
CA ASP A 378 35.41 -14.78 7.36
C ASP A 378 35.76 -15.30 5.98
N TRP A 379 36.39 -16.47 5.96
CA TRP A 379 36.82 -17.12 4.74
C TRP A 379 35.73 -17.13 3.66
N ILE A 380 34.52 -17.52 4.06
CA ILE A 380 33.39 -17.60 3.15
C ILE A 380 33.04 -16.29 2.42
N TRP A 381 33.29 -15.16 3.07
CA TRP A 381 33.01 -13.86 2.47
C TRP A 381 34.24 -13.26 1.79
N LEU A 382 35.42 -13.62 2.29
CA LEU A 382 36.66 -13.10 1.75
C LEU A 382 37.12 -13.75 0.45
N VAL A 383 36.68 -14.96 0.17
CA VAL A 383 37.04 -15.63 -1.08
C VAL A 383 36.09 -15.12 -2.17
N PRO A 384 36.64 -14.51 -3.23
CA PRO A 384 35.84 -13.98 -4.35
C PRO A 384 34.86 -15.01 -4.87
N PRO A 385 33.71 -14.56 -5.41
CA PRO A 385 32.68 -15.45 -5.95
C PRO A 385 33.05 -16.25 -7.21
N VAL A 386 34.26 -16.04 -7.72
CA VAL A 386 34.75 -16.76 -8.88
C VAL A 386 36.27 -16.76 -8.73
N SER A 387 36.93 -17.73 -9.36
CA SER A 387 38.39 -17.81 -9.29
C SER A 387 38.92 -18.08 -7.87
N GLY A 388 38.03 -18.47 -6.96
CA GLY A 388 38.43 -18.75 -5.59
C GLY A 388 39.84 -19.28 -5.40
N SER A 389 40.04 -20.51 -5.82
CA SER A 389 41.33 -21.18 -5.69
C SER A 389 42.50 -20.45 -6.35
N ILE A 390 42.20 -19.57 -7.31
CA ILE A 390 43.24 -18.84 -8.02
C ILE A 390 43.77 -17.65 -7.22
N THR A 391 43.02 -17.26 -6.18
CA THR A 391 43.42 -16.15 -5.33
C THR A 391 44.10 -16.75 -4.10
N PRO A 392 45.07 -16.02 -3.51
CA PRO A 392 45.77 -16.54 -2.34
C PRO A 392 44.92 -16.66 -1.08
N VAL A 393 43.84 -15.90 -1.00
CA VAL A 393 42.99 -15.94 0.17
C VAL A 393 42.39 -17.32 0.40
N PHE A 394 42.16 -18.04 -0.69
CA PHE A 394 41.59 -19.36 -0.65
C PHE A 394 42.44 -20.37 0.13
N HIS A 395 43.76 -20.29 -0.06
CA HIS A 395 44.69 -21.20 0.61
C HIS A 395 45.10 -20.77 2.01
N GLN A 396 44.50 -19.69 2.50
CA GLN A 396 44.81 -19.17 3.82
C GLN A 396 43.77 -19.57 4.86
N GLU A 397 44.20 -20.27 5.91
CA GLU A 397 43.27 -20.66 6.96
C GLU A 397 43.07 -19.38 7.76
N MET A 398 41.89 -19.24 8.37
CA MET A 398 41.61 -18.06 9.16
C MET A 398 40.58 -18.32 10.26
N LEU A 399 40.59 -17.46 11.27
CA LEU A 399 39.66 -17.59 12.38
C LEU A 399 38.69 -16.42 12.33
N ASN A 400 37.43 -16.72 12.61
CA ASN A 400 36.39 -15.73 12.59
C ASN A 400 35.89 -15.47 14.02
N TYR A 401 35.95 -14.21 14.45
CA TYR A 401 35.49 -13.86 15.78
C TYR A 401 35.04 -12.39 15.87
N VAL A 402 34.09 -12.13 16.76
CA VAL A 402 33.55 -10.80 16.96
C VAL A 402 34.27 -9.98 18.02
N LEU A 403 34.97 -8.93 17.60
CA LEU A 403 35.67 -8.04 18.54
C LEU A 403 34.81 -6.79 18.79
N SER A 404 35.45 -5.74 19.29
CA SER A 404 34.76 -4.49 19.56
C SER A 404 35.77 -3.36 19.52
N PRO A 405 35.44 -2.22 18.89
CA PRO A 405 34.21 -1.83 18.18
C PRO A 405 33.86 -2.79 17.05
N PHE A 406 32.61 -2.74 16.59
CA PHE A 406 32.17 -3.65 15.55
C PHE A 406 30.91 -3.16 14.82
N TYR A 407 30.78 -3.55 13.55
CA TYR A 407 29.61 -3.20 12.75
C TYR A 407 28.68 -4.41 12.75
N TYR A 408 27.53 -4.25 13.40
CA TYR A 408 26.55 -5.31 13.51
C TYR A 408 25.40 -5.09 12.54
N TYR A 409 24.66 -6.15 12.27
CA TYR A 409 23.51 -6.05 11.41
C TYR A 409 22.37 -5.60 12.29
N GLN A 410 21.21 -5.38 11.68
CA GLN A 410 20.03 -4.96 12.42
C GLN A 410 18.80 -5.59 11.80
N ILE A 411 17.71 -5.62 12.56
CA ILE A 411 16.45 -6.14 12.08
C ILE A 411 15.89 -5.04 11.19
N GLU A 412 15.27 -5.42 10.07
CA GLU A 412 14.71 -4.42 9.19
C GLU A 412 13.81 -3.51 10.03
N PRO A 413 14.07 -2.19 9.98
CA PRO A 413 13.30 -1.22 10.75
C PRO A 413 11.79 -1.30 10.61
N TRP A 414 11.31 -1.60 9.41
CA TRP A 414 9.87 -1.68 9.21
C TRP A 414 9.23 -2.88 9.90
N LYS A 415 10.03 -3.64 10.63
CA LYS A 415 9.49 -4.79 11.35
C LYS A 415 9.41 -4.53 12.84
N THR A 416 10.18 -3.54 13.31
CA THR A 416 10.19 -3.19 14.73
C THR A 416 9.82 -1.72 14.95
N HIS A 417 9.14 -1.12 14.00
CA HIS A 417 8.80 0.28 14.16
C HIS A 417 7.38 0.53 14.66
N ILE A 418 7.27 1.36 15.69
CA ILE A 418 5.99 1.72 16.26
C ILE A 418 5.51 2.94 15.50
N TRP A 419 4.53 2.78 14.62
CA TRP A 419 4.03 3.90 13.84
C TRP A 419 3.19 4.87 14.66
N GLN B 1 -50.60 23.82 6.50
CA GLN B 1 -51.49 22.99 5.63
C GLN B 1 -50.74 22.56 4.34
N TYR B 2 -51.48 22.31 3.26
CA TYR B 2 -50.87 21.84 2.01
C TYR B 2 -49.99 22.81 1.22
N VAL B 3 -49.12 22.25 0.38
CA VAL B 3 -48.25 23.03 -0.50
C VAL B 3 -48.71 22.71 -1.92
N ARG B 4 -49.02 23.75 -2.67
CA ARG B 4 -49.50 23.61 -4.04
C ARG B 4 -48.34 23.23 -4.97
N ILE B 5 -48.51 22.13 -5.69
CA ILE B 5 -47.51 21.61 -6.62
C ILE B 5 -48.15 21.50 -8.01
N LYS B 6 -47.49 22.04 -9.03
CA LYS B 6 -48.04 22.01 -10.38
C LYS B 6 -47.19 21.36 -11.47
N ASN B 7 -47.87 20.66 -12.37
CA ASN B 7 -47.23 20.02 -13.51
C ASN B 7 -47.52 20.97 -14.68
N TRP B 8 -46.48 21.56 -15.26
CA TRP B 8 -46.65 22.51 -16.34
C TRP B 8 -46.96 21.93 -17.69
N GLY B 9 -46.79 20.62 -17.81
CA GLY B 9 -47.10 19.97 -19.07
C GLY B 9 -48.59 19.71 -19.18
N SER B 10 -49.26 19.57 -18.03
CA SER B 10 -50.69 19.30 -18.01
C SER B 10 -51.48 20.32 -17.19
N GLY B 11 -50.76 21.23 -16.52
CA GLY B 11 -51.44 22.22 -15.71
C GLY B 11 -52.09 21.62 -14.48
N GLU B 12 -52.04 20.29 -14.36
CA GLU B 12 -52.64 19.61 -13.21
C GLU B 12 -51.99 20.03 -11.89
N ILE B 13 -52.81 20.32 -10.89
CA ILE B 13 -52.33 20.76 -9.58
C ILE B 13 -52.52 19.68 -8.51
N LEU B 14 -51.54 19.57 -7.62
CA LEU B 14 -51.58 18.60 -6.52
C LEU B 14 -51.29 19.35 -5.24
N HIS B 15 -51.79 18.82 -4.13
CA HIS B 15 -51.59 19.41 -2.81
C HIS B 15 -50.77 18.42 -2.02
N ASP B 16 -49.67 18.91 -1.45
CA ASP B 16 -48.80 18.03 -0.69
C ASP B 16 -48.87 18.33 0.79
N THR B 17 -49.27 17.32 1.55
CA THR B 17 -49.38 17.43 2.99
C THR B 17 -48.40 16.46 3.68
N LEU B 18 -47.97 15.43 2.96
CA LEU B 18 -47.06 14.48 3.54
C LEU B 18 -45.80 15.13 4.10
N HIS B 19 -45.36 16.24 3.52
CA HIS B 19 -44.13 16.88 3.99
C HIS B 19 -44.16 17.29 5.46
N HIS B 20 -45.34 17.26 6.07
CA HIS B 20 -45.45 17.63 7.48
C HIS B 20 -44.76 16.59 8.36
N LYS B 21 -44.76 15.34 7.91
CA LYS B 21 -44.13 14.26 8.64
C LYS B 21 -42.61 14.36 8.63
N ALA B 22 -42.07 15.23 7.78
CA ALA B 22 -40.64 15.40 7.67
C ALA B 22 -39.96 15.39 9.05
N THR B 23 -38.92 14.57 9.13
CA THR B 23 -38.10 14.35 10.33
C THR B 23 -37.44 15.58 10.95
N SER B 24 -36.20 15.82 10.55
CA SER B 24 -35.39 16.95 11.02
C SER B 24 -35.39 18.01 9.92
N ASP B 25 -34.26 18.73 9.82
CA ASP B 25 -34.11 19.76 8.81
C ASP B 25 -33.33 19.24 7.60
N PHE B 26 -33.84 19.53 6.41
CA PHE B 26 -33.21 19.08 5.16
C PHE B 26 -31.90 19.83 4.87
N THR B 27 -31.51 19.81 3.59
CA THR B 27 -30.26 20.42 3.13
C THR B 27 -30.21 21.94 3.06
N CYS B 28 -31.27 22.53 2.55
CA CYS B 28 -31.31 23.99 2.40
C CYS B 28 -31.46 24.76 3.70
N LYS B 29 -30.89 25.97 3.69
CA LYS B 29 -30.96 26.89 4.84
C LYS B 29 -32.33 27.57 4.86
N SER B 30 -32.35 28.81 5.34
CA SER B 30 -33.58 29.59 5.41
C SER B 30 -33.53 30.71 4.35
N LYS B 31 -32.31 31.11 3.98
CA LYS B 31 -32.13 32.17 2.98
C LYS B 31 -31.44 31.67 1.69
N SER B 32 -30.76 30.53 1.79
CA SER B 32 -30.03 29.96 0.65
C SER B 32 -30.64 28.60 0.27
N CYS B 33 -30.18 28.02 -0.84
CA CYS B 33 -30.71 26.73 -1.30
C CYS B 33 -29.62 25.84 -1.88
N LEU B 34 -29.28 24.78 -1.13
CA LEU B 34 -28.24 23.82 -1.53
C LEU B 34 -28.77 22.55 -2.19
N GLY B 35 -29.89 22.69 -2.91
CA GLY B 35 -30.53 21.57 -3.57
C GLY B 35 -29.73 20.79 -4.61
N SER B 36 -28.56 21.29 -5.02
CA SER B 36 -27.74 20.58 -5.99
C SER B 36 -26.50 19.92 -5.37
N ILE B 37 -26.42 19.95 -4.04
CA ILE B 37 -25.31 19.32 -3.34
C ILE B 37 -25.62 17.83 -3.29
N MET B 38 -24.66 17.01 -3.72
CA MET B 38 -24.84 15.55 -3.73
C MET B 38 -24.83 14.79 -2.40
N ASN B 39 -23.84 15.07 -1.56
CA ASN B 39 -23.73 14.39 -0.27
C ASN B 39 -23.95 15.34 0.91
N PRO B 40 -25.10 16.03 0.95
CA PRO B 40 -25.30 16.93 2.08
C PRO B 40 -25.41 16.09 3.35
N LYS B 41 -25.12 16.70 4.50
CA LYS B 41 -25.21 15.98 5.79
C LYS B 41 -26.65 15.60 6.14
N SER B 42 -27.63 16.28 5.57
CA SER B 42 -29.00 15.92 5.87
C SER B 42 -29.33 14.54 5.29
N LEU B 43 -28.52 14.08 4.35
CA LEU B 43 -28.74 12.78 3.70
C LEU B 43 -27.76 11.69 4.22
N THR B 44 -26.88 12.08 5.13
CA THR B 44 -25.91 11.17 5.70
C THR B 44 -26.21 10.82 7.15
N ARG B 45 -25.97 9.55 7.52
CA ARG B 45 -26.15 9.07 8.89
C ARG B 45 -24.83 8.38 9.21
N GLY B 46 -23.96 9.09 9.93
CA GLY B 46 -22.64 8.56 10.25
C GLY B 46 -22.45 7.63 11.42
N PRO B 47 -21.18 7.38 11.79
CA PRO B 47 -20.72 6.50 12.88
C PRO B 47 -21.26 6.87 14.25
N ARG B 48 -21.13 5.91 15.16
CA ARG B 48 -21.57 6.06 16.54
C ARG B 48 -20.61 5.22 17.39
N ASP B 49 -20.47 5.53 18.67
CA ASP B 49 -19.60 4.70 19.50
C ASP B 49 -20.25 4.48 20.86
N LYS B 50 -21.56 4.71 20.89
CA LYS B 50 -22.35 4.52 22.08
C LYS B 50 -23.74 4.12 21.63
N PRO B 51 -24.39 3.21 22.39
CA PRO B 51 -25.74 2.81 22.01
C PRO B 51 -26.59 4.07 21.92
N THR B 52 -27.69 4.02 21.20
CA THR B 52 -28.55 5.19 21.10
C THR B 52 -29.35 5.35 22.40
N PRO B 53 -29.47 6.58 22.93
CA PRO B 53 -30.21 6.84 24.17
C PRO B 53 -31.62 6.29 24.14
N LEU B 54 -32.06 5.72 25.27
CA LEU B 54 -33.38 5.13 25.36
C LEU B 54 -34.51 6.14 25.22
N GLU B 55 -34.26 7.38 25.67
CA GLU B 55 -35.27 8.42 25.60
C GLU B 55 -35.56 8.75 24.14
N GLU B 56 -34.55 8.52 23.30
CA GLU B 56 -34.69 8.77 21.87
C GLU B 56 -35.28 7.58 21.13
N LEU B 57 -34.67 6.42 21.35
CA LEU B 57 -35.11 5.21 20.68
C LEU B 57 -36.60 4.91 20.89
N LEU B 58 -37.03 4.90 22.15
CA LEU B 58 -38.43 4.60 22.46
C LEU B 58 -39.45 5.39 21.66
N PRO B 59 -39.35 6.73 21.65
CA PRO B 59 -40.31 7.56 20.89
C PRO B 59 -40.36 7.16 19.41
N HIS B 60 -39.18 7.00 18.81
CA HIS B 60 -39.10 6.63 17.40
C HIS B 60 -39.69 5.25 17.16
N ALA B 61 -39.37 4.29 18.04
CA ALA B 61 -39.87 2.93 17.93
C ALA B 61 -41.39 2.91 17.98
N ILE B 62 -41.95 3.65 18.93
CA ILE B 62 -43.40 3.75 19.11
C ILE B 62 -44.01 4.30 17.82
N GLU B 63 -43.35 5.30 17.27
CA GLU B 63 -43.82 5.96 16.03
C GLU B 63 -43.84 4.98 14.87
N PHE B 64 -42.78 4.18 14.75
CA PHE B 64 -42.71 3.19 13.68
C PHE B 64 -43.76 2.11 13.87
N ILE B 65 -43.91 1.65 15.11
CA ILE B 65 -44.89 0.62 15.39
C ILE B 65 -46.28 1.10 14.99
N ASN B 66 -46.55 2.38 15.20
CA ASN B 66 -47.85 2.92 14.85
C ASN B 66 -47.95 3.10 13.35
N GLN B 67 -46.81 3.32 12.72
CA GLN B 67 -46.80 3.46 11.27
C GLN B 67 -47.13 2.09 10.68
N TYR B 68 -46.48 1.06 11.20
CA TYR B 68 -46.70 -0.30 10.72
C TYR B 68 -48.14 -0.77 10.91
N TYR B 69 -48.64 -0.73 12.14
CA TYR B 69 -50.01 -1.17 12.38
C TYR B 69 -51.02 -0.25 11.71
N GLY B 70 -50.59 0.95 11.36
CA GLY B 70 -51.48 1.88 10.70
C GLY B 70 -51.66 1.55 9.22
N SER B 71 -50.64 0.95 8.61
CA SER B 71 -50.70 0.62 7.19
C SER B 71 -51.78 -0.38 6.83
N PHE B 72 -52.20 -1.18 7.80
CA PHE B 72 -53.20 -2.22 7.58
C PHE B 72 -54.58 -1.70 7.28
N LYS B 73 -55.19 -2.24 6.23
CA LYS B 73 -56.57 -1.86 5.93
C LYS B 73 -57.17 -2.79 6.99
N GLU B 74 -58.18 -2.30 7.70
CA GLU B 74 -58.80 -3.04 8.80
C GLU B 74 -57.70 -3.34 9.83
N ALA B 75 -57.65 -2.50 10.85
CA ALA B 75 -56.67 -2.58 11.92
C ALA B 75 -56.79 -3.79 12.83
N LYS B 76 -55.76 -3.95 13.65
CA LYS B 76 -55.67 -5.03 14.62
C LYS B 76 -55.14 -4.35 15.89
N ILE B 77 -56.01 -3.57 16.54
CA ILE B 77 -55.65 -2.83 17.74
C ILE B 77 -54.96 -3.66 18.82
N GLU B 78 -55.63 -4.72 19.25
CA GLU B 78 -55.08 -5.60 20.26
C GLU B 78 -53.63 -5.98 19.95
N GLU B 79 -53.41 -6.44 18.72
CA GLU B 79 -52.06 -6.82 18.29
C GLU B 79 -51.15 -5.60 18.30
N HIS B 80 -51.74 -4.46 17.96
CA HIS B 80 -51.02 -3.19 17.95
C HIS B 80 -50.52 -2.84 19.37
N LEU B 81 -51.44 -2.77 20.33
CA LEU B 81 -51.07 -2.44 21.72
C LEU B 81 -50.11 -3.49 22.27
N ALA B 82 -50.40 -4.75 21.97
CA ALA B 82 -49.57 -5.85 22.41
C ALA B 82 -48.13 -5.59 21.96
N ARG B 83 -47.96 -5.20 20.70
CA ARG B 83 -46.62 -4.95 20.16
C ARG B 83 -45.97 -3.75 20.85
N LEU B 84 -46.72 -2.66 20.99
CA LEU B 84 -46.21 -1.46 21.64
C LEU B 84 -45.68 -1.80 23.04
N GLU B 85 -46.42 -2.64 23.77
CA GLU B 85 -45.99 -3.03 25.11
C GLU B 85 -44.72 -3.89 25.04
N ALA B 86 -44.75 -4.92 24.18
CA ALA B 86 -43.62 -5.83 24.03
C ALA B 86 -42.34 -5.13 23.58
N VAL B 87 -42.49 -4.16 22.69
CA VAL B 87 -41.33 -3.41 22.20
C VAL B 87 -40.70 -2.65 23.35
N THR B 88 -41.57 -2.06 24.18
CA THR B 88 -41.12 -1.27 25.32
C THR B 88 -40.37 -2.12 26.34
N LYS B 89 -40.98 -3.23 26.74
CA LYS B 89 -40.36 -4.12 27.71
C LYS B 89 -38.98 -4.50 27.17
N GLU B 90 -38.92 -4.80 25.87
CA GLU B 90 -37.69 -5.21 25.23
C GLU B 90 -36.61 -4.13 25.27
N ILE B 91 -37.03 -2.87 25.12
CA ILE B 91 -36.09 -1.74 25.15
C ILE B 91 -35.66 -1.47 26.59
N GLU B 92 -36.55 -1.73 27.55
CA GLU B 92 -36.21 -1.55 28.95
C GLU B 92 -35.23 -2.65 29.41
N THR B 93 -35.42 -3.86 28.89
CA THR B 93 -34.58 -4.98 29.27
C THR B 93 -33.30 -5.20 28.47
N THR B 94 -33.26 -4.75 27.21
CA THR B 94 -32.04 -4.95 26.42
C THR B 94 -31.37 -3.64 26.03
N GLY B 95 -32.15 -2.58 25.90
CA GLY B 95 -31.60 -1.30 25.51
C GLY B 95 -31.79 -1.05 24.02
N THR B 96 -32.57 -1.90 23.40
CA THR B 96 -32.87 -1.80 21.97
C THR B 96 -33.99 -2.80 21.70
N TYR B 97 -34.41 -2.93 20.45
CA TYR B 97 -35.45 -3.92 20.16
C TYR B 97 -35.18 -4.58 18.82
N GLN B 98 -35.93 -5.65 18.55
CA GLN B 98 -35.78 -6.40 17.30
C GLN B 98 -37.07 -6.32 16.51
N LEU B 99 -36.94 -6.09 15.21
CA LEU B 99 -38.10 -6.00 14.34
C LEU B 99 -38.56 -7.39 13.96
N THR B 100 -39.87 -7.55 13.81
CA THR B 100 -40.39 -8.84 13.39
C THR B 100 -40.07 -8.87 11.90
N LEU B 101 -40.13 -10.03 11.28
CA LEU B 101 -39.81 -10.13 9.87
C LEU B 101 -40.74 -9.23 9.05
N ASP B 102 -42.03 -9.29 9.37
CA ASP B 102 -43.02 -8.49 8.66
C ASP B 102 -42.80 -7.00 8.77
N GLU B 103 -42.32 -6.54 9.91
CA GLU B 103 -42.07 -5.13 10.12
C GLU B 103 -40.81 -4.76 9.35
N LEU B 104 -39.88 -5.70 9.25
CA LEU B 104 -38.64 -5.46 8.53
C LEU B 104 -38.96 -5.37 7.05
N ILE B 105 -39.85 -6.25 6.57
CA ILE B 105 -40.24 -6.22 5.18
C ILE B 105 -40.90 -4.87 4.89
N PHE B 106 -41.85 -4.49 5.73
CA PHE B 106 -42.55 -3.22 5.59
C PHE B 106 -41.56 -2.07 5.59
N ALA B 107 -40.58 -2.14 6.48
CA ALA B 107 -39.56 -1.10 6.59
C ALA B 107 -38.76 -0.90 5.32
N THR B 108 -38.21 -2.00 4.77
CA THR B 108 -37.39 -1.92 3.57
C THR B 108 -38.17 -1.33 2.41
N LYS B 109 -39.45 -1.70 2.30
CA LYS B 109 -40.30 -1.20 1.23
C LYS B 109 -40.65 0.28 1.42
N MET B 110 -41.01 0.66 2.64
CA MET B 110 -41.35 2.05 2.92
C MET B 110 -40.16 2.96 2.66
N ALA B 111 -38.98 2.53 3.08
CA ALA B 111 -37.76 3.32 2.89
C ALA B 111 -37.51 3.51 1.40
N TRP B 112 -37.92 2.51 0.62
CA TRP B 112 -37.77 2.59 -0.82
C TRP B 112 -38.78 3.66 -1.30
N ARG B 113 -40.02 3.58 -0.82
CA ARG B 113 -41.05 4.55 -1.18
C ARG B 113 -40.58 5.95 -0.87
N ASN B 114 -39.81 6.07 0.20
CA ASN B 114 -39.29 7.33 0.69
C ASN B 114 -37.95 7.78 0.09
N ALA B 115 -37.42 7.05 -0.89
CA ALA B 115 -36.16 7.45 -1.51
C ALA B 115 -36.48 8.52 -2.57
N PRO B 116 -36.27 9.79 -2.23
CA PRO B 116 -36.57 10.84 -3.19
C PRO B 116 -35.75 10.84 -4.47
N ARG B 117 -34.60 10.19 -4.45
CA ARG B 117 -33.74 10.14 -5.62
C ARG B 117 -33.93 8.91 -6.50
N CYS B 118 -34.93 8.08 -6.21
CA CYS B 118 -35.20 6.88 -6.99
C CYS B 118 -36.39 7.06 -7.90
N ILE B 119 -36.17 6.81 -9.19
CA ILE B 119 -37.19 6.95 -10.20
C ILE B 119 -38.01 5.69 -10.41
N GLY B 120 -37.52 4.58 -9.89
CA GLY B 120 -38.23 3.31 -10.05
C GLY B 120 -39.10 2.88 -8.90
N ARG B 121 -39.54 3.84 -8.09
CA ARG B 121 -40.38 3.53 -6.94
C ARG B 121 -41.76 2.98 -7.20
N ILE B 122 -42.16 2.80 -8.46
CA ILE B 122 -43.48 2.24 -8.72
C ILE B 122 -43.42 0.75 -8.45
N GLN B 123 -42.23 0.26 -8.14
CA GLN B 123 -41.99 -1.15 -7.85
C GLN B 123 -41.87 -1.41 -6.35
N TRP B 124 -41.91 -0.36 -5.53
CA TRP B 124 -41.74 -0.49 -4.08
C TRP B 124 -42.42 -1.68 -3.43
N SER B 125 -43.53 -2.12 -4.00
CA SER B 125 -44.27 -3.24 -3.46
C SER B 125 -43.61 -4.59 -3.72
N ASN B 126 -42.80 -4.67 -4.77
CA ASN B 126 -42.13 -5.92 -5.10
C ASN B 126 -40.67 -5.93 -4.69
N LEU B 127 -40.42 -6.35 -3.46
CA LEU B 127 -39.05 -6.40 -2.99
C LEU B 127 -38.86 -7.67 -2.20
N GLN B 128 -37.85 -8.43 -2.57
CA GLN B 128 -37.55 -9.67 -1.89
C GLN B 128 -36.63 -9.28 -0.74
N VAL B 129 -36.95 -9.77 0.45
CA VAL B 129 -36.16 -9.46 1.62
C VAL B 129 -35.45 -10.69 2.18
N PHE B 130 -34.12 -10.62 2.24
CA PHE B 130 -33.31 -11.69 2.79
C PHE B 130 -32.88 -11.27 4.18
N ASP B 131 -33.37 -12.01 5.18
CA ASP B 131 -33.05 -11.71 6.57
C ASP B 131 -31.70 -12.29 6.95
N ALA B 132 -30.70 -11.43 7.14
CA ALA B 132 -29.37 -11.87 7.53
C ALA B 132 -28.97 -11.25 8.87
N ARG B 133 -29.96 -10.85 9.66
CA ARG B 133 -29.70 -10.23 10.95
C ARG B 133 -29.05 -11.18 11.95
N ASN B 134 -29.01 -12.46 11.56
CA ASN B 134 -28.43 -13.53 12.35
C ASN B 134 -26.94 -13.70 12.04
N CYS B 135 -26.54 -13.22 10.87
CA CYS B 135 -25.16 -13.33 10.42
C CYS B 135 -24.16 -12.89 11.50
N SER B 136 -22.95 -13.43 11.49
CA SER B 136 -21.99 -13.03 12.50
C SER B 136 -20.53 -12.97 12.09
N THR B 137 -20.20 -13.52 10.92
CA THR B 137 -18.81 -13.48 10.44
C THR B 137 -18.74 -12.99 9.01
N ALA B 138 -17.58 -12.52 8.58
CA ALA B 138 -17.41 -12.03 7.22
C ALA B 138 -17.71 -13.12 6.20
N GLN B 139 -17.27 -14.34 6.49
CA GLN B 139 -17.50 -15.46 5.58
C GLN B 139 -18.99 -15.67 5.36
N GLU B 140 -19.78 -15.43 6.40
CA GLU B 140 -21.22 -15.58 6.28
C GLU B 140 -21.80 -14.44 5.46
N MET B 141 -21.25 -13.24 5.61
CA MET B 141 -21.71 -12.09 4.85
C MET B 141 -21.57 -12.43 3.39
N PHE B 142 -20.37 -12.88 3.03
CA PHE B 142 -20.00 -13.26 1.67
C PHE B 142 -20.94 -14.28 1.05
N GLN B 143 -21.41 -15.24 1.84
CA GLN B 143 -22.31 -16.26 1.34
C GLN B 143 -23.67 -15.62 1.07
N HIS B 144 -24.13 -14.83 2.03
CA HIS B 144 -25.40 -14.15 1.89
C HIS B 144 -25.41 -13.25 0.65
N ILE B 145 -24.34 -12.49 0.46
CA ILE B 145 -24.24 -11.62 -0.70
C ILE B 145 -24.24 -12.43 -1.99
N CYS B 146 -23.66 -13.63 -1.95
CA CYS B 146 -23.60 -14.50 -3.13
C CYS B 146 -25.02 -14.96 -3.48
N ARG B 147 -25.78 -15.33 -2.44
CA ARG B 147 -27.16 -15.76 -2.60
C ARG B 147 -27.98 -14.63 -3.25
N HIS B 148 -27.73 -13.41 -2.77
CA HIS B 148 -28.41 -12.22 -3.24
C HIS B 148 -28.09 -11.96 -4.71
N ILE B 149 -26.81 -11.91 -5.04
CA ILE B 149 -26.42 -11.67 -6.42
C ILE B 149 -27.04 -12.72 -7.35
N LEU B 150 -27.06 -13.98 -6.90
CA LEU B 150 -27.62 -15.07 -7.70
C LEU B 150 -29.13 -14.92 -7.89
N TYR B 151 -29.82 -14.60 -6.80
CA TYR B 151 -31.26 -14.43 -6.86
C TYR B 151 -31.70 -13.20 -7.66
N ALA B 152 -31.05 -12.08 -7.42
CA ALA B 152 -31.39 -10.84 -8.10
C ALA B 152 -31.11 -10.91 -9.60
N THR B 153 -29.96 -11.49 -9.96
CA THR B 153 -29.58 -11.61 -11.36
C THR B 153 -30.59 -12.47 -12.09
N ASN B 154 -30.93 -13.61 -11.49
CA ASN B 154 -31.93 -14.52 -12.05
C ASN B 154 -31.74 -14.78 -13.54
N ASN B 155 -30.49 -14.99 -13.94
CA ASN B 155 -30.13 -15.27 -15.33
C ASN B 155 -30.60 -14.18 -16.33
N GLY B 156 -30.59 -12.92 -15.89
CA GLY B 156 -31.01 -11.84 -16.78
C GLY B 156 -32.35 -11.24 -16.42
N ASN B 157 -33.28 -12.06 -15.94
CA ASN B 157 -34.60 -11.55 -15.55
C ASN B 157 -34.51 -10.96 -14.15
N ILE B 158 -33.79 -9.85 -14.03
CA ILE B 158 -33.56 -9.18 -12.76
C ILE B 158 -34.73 -9.05 -11.77
N ARG B 159 -34.45 -9.36 -10.51
CA ARG B 159 -35.42 -9.28 -9.44
C ARG B 159 -34.91 -8.33 -8.35
N SER B 160 -35.73 -7.39 -7.93
CA SER B 160 -35.32 -6.45 -6.89
C SER B 160 -35.23 -7.20 -5.58
N ALA B 161 -34.14 -6.97 -4.85
CA ALA B 161 -33.95 -7.61 -3.56
C ALA B 161 -33.08 -6.77 -2.64
N ILE B 162 -33.16 -7.11 -1.35
CA ILE B 162 -32.38 -6.46 -0.32
C ILE B 162 -32.01 -7.47 0.77
N THR B 163 -30.76 -7.41 1.20
CA THR B 163 -30.29 -8.30 2.24
C THR B 163 -30.02 -7.43 3.47
N VAL B 164 -30.68 -7.74 4.58
CA VAL B 164 -30.52 -6.98 5.79
C VAL B 164 -29.65 -7.68 6.83
N PHE B 165 -28.49 -7.10 7.12
CA PHE B 165 -27.57 -7.64 8.11
C PHE B 165 -27.86 -7.05 9.49
N PRO B 166 -27.20 -7.57 10.55
CA PRO B 166 -27.42 -7.06 11.92
C PRO B 166 -27.43 -5.55 12.09
N GLN B 167 -28.38 -5.07 12.90
CA GLN B 167 -28.50 -3.65 13.16
C GLN B 167 -27.32 -3.14 14.01
N ARG B 168 -27.14 -1.82 14.02
CA ARG B 168 -26.09 -1.22 14.80
C ARG B 168 -26.45 -1.34 16.28
N SER B 169 -25.44 -1.58 17.10
CA SER B 169 -25.66 -1.71 18.53
C SER B 169 -24.97 -0.55 19.23
N ASP B 170 -23.74 -0.79 19.67
CA ASP B 170 -22.97 0.23 20.35
C ASP B 170 -22.29 1.09 19.29
N GLY B 171 -22.31 0.61 18.06
CA GLY B 171 -21.68 1.34 16.96
C GLY B 171 -20.23 0.96 16.77
N LYS B 172 -19.76 0.02 17.60
CA LYS B 172 -18.37 -0.43 17.52
C LYS B 172 -18.29 -1.81 16.88
N HIS B 173 -19.46 -2.41 16.62
CA HIS B 173 -19.53 -3.73 16.01
C HIS B 173 -20.37 -3.64 14.74
N ASP B 174 -20.13 -2.58 13.98
CA ASP B 174 -20.85 -2.32 12.73
C ASP B 174 -20.56 -3.28 11.60
N PHE B 175 -21.62 -3.78 10.97
CA PHE B 175 -21.45 -4.62 9.79
C PHE B 175 -21.43 -3.59 8.65
N ARG B 176 -20.47 -3.70 7.75
CA ARG B 176 -20.37 -2.76 6.63
C ARG B 176 -19.79 -3.39 5.38
N LEU B 177 -20.24 -2.89 4.22
CA LEU B 177 -19.71 -3.33 2.95
C LEU B 177 -18.93 -2.10 2.53
N TRP B 178 -17.62 -2.24 2.39
CA TRP B 178 -16.76 -1.13 2.01
C TRP B 178 -16.95 -0.76 0.55
N ASN B 179 -17.59 -1.65 -0.19
CA ASN B 179 -17.86 -1.40 -1.61
C ASN B 179 -19.01 -0.40 -1.72
N SER B 180 -19.05 0.36 -2.82
CA SER B 180 -20.13 1.31 -3.02
C SER B 180 -21.24 0.62 -3.79
N GLN B 181 -20.87 -0.44 -4.49
CA GLN B 181 -21.79 -1.25 -5.29
C GLN B 181 -21.29 -2.69 -5.26
N LEU B 182 -22.22 -3.63 -5.12
CA LEU B 182 -21.86 -5.05 -5.09
C LEU B 182 -20.92 -5.44 -6.20
N ILE B 183 -21.25 -5.02 -7.42
CA ILE B 183 -20.43 -5.31 -8.58
C ILE B 183 -19.99 -4.00 -9.22
N ARG B 184 -18.68 -3.81 -9.31
CA ARG B 184 -18.10 -2.60 -9.90
C ARG B 184 -16.78 -2.97 -10.56
N TYR B 185 -16.32 -2.14 -11.48
CA TYR B 185 -15.05 -2.37 -12.15
C TYR B 185 -13.99 -1.54 -11.48
N ALA B 186 -12.76 -2.02 -11.49
CA ALA B 186 -11.66 -1.31 -10.85
C ALA B 186 -11.10 -0.19 -11.71
N GLY B 187 -10.41 0.73 -11.06
CA GLY B 187 -9.79 1.84 -11.73
C GLY B 187 -8.34 1.86 -11.32
N TYR B 188 -7.45 1.89 -12.30
CA TYR B 188 -6.02 1.89 -12.05
C TYR B 188 -5.36 3.15 -12.60
N GLN B 189 -4.59 3.86 -11.78
CA GLN B 189 -3.89 5.05 -12.27
C GLN B 189 -2.55 4.55 -12.77
N MET B 190 -2.44 4.32 -14.07
CA MET B 190 -1.20 3.82 -14.67
C MET B 190 0.02 4.71 -14.41
N PRO B 191 1.23 4.16 -14.54
CA PRO B 191 2.45 4.95 -14.32
C PRO B 191 2.46 6.25 -15.15
N ASP B 192 2.14 6.13 -16.44
CA ASP B 192 2.12 7.29 -17.34
C ASP B 192 0.93 8.22 -17.11
N GLY B 193 0.57 8.43 -15.85
CA GLY B 193 -0.54 9.33 -15.49
C GLY B 193 -1.94 9.00 -16.00
N THR B 194 -2.02 8.19 -17.05
CA THR B 194 -3.31 7.81 -17.62
C THR B 194 -4.10 7.00 -16.58
N ILE B 195 -5.35 6.71 -16.90
CA ILE B 195 -6.20 5.92 -16.00
C ILE B 195 -6.83 4.80 -16.81
N ARG B 196 -6.83 3.60 -16.24
CA ARG B 196 -7.42 2.47 -16.92
C ARG B 196 -8.57 1.92 -16.10
N GLY B 197 -9.69 1.65 -16.77
CA GLY B 197 -10.84 1.12 -16.07
C GLY B 197 -11.82 2.21 -15.71
N ASP B 198 -12.38 2.11 -14.50
CA ASP B 198 -13.37 3.06 -14.02
C ASP B 198 -12.75 4.07 -13.06
N ALA B 199 -12.55 5.30 -13.52
CA ALA B 199 -11.94 6.33 -12.70
C ALA B 199 -12.62 6.48 -11.35
N ALA B 200 -13.94 6.27 -11.33
CA ALA B 200 -14.71 6.44 -10.10
C ALA B 200 -14.27 5.57 -8.94
N THR B 201 -13.64 4.44 -9.22
CA THR B 201 -13.21 3.55 -8.15
C THR B 201 -11.72 3.64 -7.80
N LEU B 202 -11.00 4.59 -8.39
CA LEU B 202 -9.57 4.71 -8.12
C LEU B 202 -9.19 4.51 -6.65
N GLU B 203 -9.82 5.25 -5.76
CA GLU B 203 -9.50 5.14 -4.35
C GLU B 203 -9.85 3.76 -3.80
N PHE B 204 -11.07 3.28 -4.04
CA PHE B 204 -11.44 1.97 -3.52
C PHE B 204 -10.57 0.86 -4.10
N THR B 205 -10.22 0.97 -5.38
CA THR B 205 -9.38 -0.06 -6.00
C THR B 205 -8.06 -0.16 -5.24
N GLN B 206 -7.40 0.98 -5.04
CA GLN B 206 -6.12 0.99 -4.35
C GLN B 206 -6.26 0.42 -2.93
N LEU B 207 -7.44 0.56 -2.34
CA LEU B 207 -7.66 0.04 -1.01
C LEU B 207 -7.63 -1.49 -1.10
N CYS B 208 -8.41 -2.06 -2.01
CA CYS B 208 -8.45 -3.50 -2.17
C CYS B 208 -7.05 -4.06 -2.38
N ILE B 209 -6.24 -3.31 -3.12
CA ILE B 209 -4.88 -3.73 -3.38
C ILE B 209 -4.13 -3.70 -2.05
N ASP B 210 -4.33 -2.65 -1.27
CA ASP B 210 -3.66 -2.55 0.02
C ASP B 210 -4.11 -3.67 0.96
N LEU B 211 -5.26 -4.27 0.65
CA LEU B 211 -5.76 -5.34 1.50
C LEU B 211 -5.36 -6.71 0.93
N GLY B 212 -4.50 -6.70 -0.09
CA GLY B 212 -4.04 -7.95 -0.67
C GLY B 212 -4.41 -8.23 -2.11
N TRP B 213 -5.63 -7.87 -2.50
CA TRP B 213 -6.12 -8.12 -3.87
C TRP B 213 -5.08 -7.84 -4.95
N LYS B 214 -5.03 -8.71 -5.96
CA LYS B 214 -4.09 -8.55 -7.07
C LYS B 214 -4.73 -7.78 -8.22
N PRO B 215 -4.17 -6.61 -8.55
CA PRO B 215 -4.67 -5.75 -9.63
C PRO B 215 -4.41 -6.28 -11.03
N ARG B 216 -5.43 -6.86 -11.65
CA ARG B 216 -5.29 -7.40 -13.00
C ARG B 216 -5.12 -6.34 -14.12
N TYR B 217 -5.07 -5.06 -13.74
CA TYR B 217 -4.91 -3.95 -14.67
C TYR B 217 -5.69 -3.96 -15.99
N GLY B 218 -6.95 -4.39 -15.95
CA GLY B 218 -7.77 -4.42 -17.15
C GLY B 218 -8.76 -3.25 -17.17
N ARG B 219 -9.52 -3.11 -18.24
CA ARG B 219 -10.48 -2.02 -18.33
C ARG B 219 -11.76 -2.35 -17.60
N PHE B 220 -12.06 -3.65 -17.48
CA PHE B 220 -13.28 -4.09 -16.82
C PHE B 220 -13.03 -5.23 -15.83
N ASP B 221 -12.27 -4.96 -14.79
CA ASP B 221 -11.98 -5.95 -13.75
C ASP B 221 -12.97 -5.85 -12.60
N VAL B 222 -13.83 -6.86 -12.44
CA VAL B 222 -14.79 -6.82 -11.35
C VAL B 222 -14.02 -6.77 -10.04
N LEU B 223 -14.33 -5.79 -9.22
CA LEU B 223 -13.66 -5.61 -7.93
C LEU B 223 -14.07 -6.67 -6.93
N PRO B 224 -13.24 -6.87 -5.90
CA PRO B 224 -13.53 -7.87 -4.87
C PRO B 224 -14.49 -7.29 -3.83
N LEU B 225 -15.17 -8.17 -3.12
CA LEU B 225 -16.07 -7.77 -2.06
C LEU B 225 -15.18 -7.48 -0.84
N VAL B 226 -15.36 -6.33 -0.21
CA VAL B 226 -14.57 -5.99 0.98
C VAL B 226 -15.54 -5.90 2.14
N LEU B 227 -15.70 -7.01 2.85
CA LEU B 227 -16.64 -7.11 3.96
C LEU B 227 -16.11 -6.94 5.37
N GLN B 228 -16.87 -6.18 6.14
CA GLN B 228 -16.58 -5.88 7.55
C GLN B 228 -17.72 -6.47 8.37
N ALA B 229 -17.39 -7.44 9.22
CA ALA B 229 -18.40 -8.08 10.06
C ALA B 229 -18.15 -7.78 11.53
N ASP B 230 -19.22 -7.39 12.23
CA ASP B 230 -19.14 -7.07 13.65
C ASP B 230 -17.94 -6.17 13.98
N GLY B 231 -17.92 -4.98 13.40
CA GLY B 231 -16.85 -4.04 13.65
C GLY B 231 -15.43 -4.54 13.56
N GLN B 232 -15.21 -5.66 12.87
CA GLN B 232 -13.86 -6.20 12.72
C GLN B 232 -13.25 -5.80 11.38
N ASP B 233 -11.92 -5.81 11.30
CA ASP B 233 -11.24 -5.45 10.07
C ASP B 233 -11.85 -6.19 8.88
N PRO B 234 -11.96 -5.50 7.73
CA PRO B 234 -12.54 -6.03 6.50
C PRO B 234 -11.74 -7.13 5.84
N GLU B 235 -12.45 -8.09 5.26
CA GLU B 235 -11.83 -9.20 4.56
C GLU B 235 -12.23 -9.16 3.12
N VAL B 236 -11.25 -9.36 2.25
CA VAL B 236 -11.45 -9.33 0.82
C VAL B 236 -11.92 -10.68 0.27
N PHE B 237 -13.08 -10.68 -0.37
CA PHE B 237 -13.63 -11.90 -0.97
C PHE B 237 -13.89 -11.70 -2.46
N GLU B 238 -13.20 -12.47 -3.29
CA GLU B 238 -13.38 -12.41 -4.72
C GLU B 238 -14.78 -12.94 -5.04
N ILE B 239 -15.53 -12.25 -5.91
CA ILE B 239 -16.86 -12.72 -6.27
C ILE B 239 -16.77 -13.80 -7.34
N PRO B 240 -17.50 -14.91 -7.16
CA PRO B 240 -17.46 -16.00 -8.15
C PRO B 240 -17.94 -15.51 -9.52
N PRO B 241 -17.02 -15.48 -10.51
CA PRO B 241 -17.31 -15.04 -11.87
C PRO B 241 -18.60 -15.60 -12.45
N ASP B 242 -18.92 -16.82 -12.04
CA ASP B 242 -20.14 -17.49 -12.50
C ASP B 242 -21.36 -16.65 -12.14
N LEU B 243 -21.28 -15.95 -11.01
CA LEU B 243 -22.40 -15.14 -10.53
C LEU B 243 -22.48 -13.75 -11.15
N VAL B 244 -21.44 -13.31 -11.83
CA VAL B 244 -21.43 -11.98 -12.44
C VAL B 244 -21.85 -12.02 -13.90
N LEU B 245 -23.07 -11.57 -14.17
CA LEU B 245 -23.60 -11.56 -15.53
C LEU B 245 -23.21 -10.26 -16.21
N GLU B 246 -22.66 -10.35 -17.42
CA GLU B 246 -22.25 -9.15 -18.13
C GLU B 246 -22.80 -9.06 -19.54
N VAL B 247 -23.03 -7.84 -19.99
CA VAL B 247 -23.56 -7.59 -21.31
C VAL B 247 -22.48 -6.97 -22.18
N THR B 248 -22.19 -7.59 -23.32
CA THR B 248 -21.19 -7.05 -24.22
C THR B 248 -21.93 -6.03 -25.06
N MET B 249 -21.34 -4.85 -25.20
CA MET B 249 -21.98 -3.77 -25.95
C MET B 249 -21.83 -3.81 -27.46
N GLU B 250 -22.96 -3.78 -28.18
CA GLU B 250 -22.97 -3.76 -29.63
C GLU B 250 -24.16 -2.93 -30.16
N HIS B 251 -23.95 -2.30 -31.32
CA HIS B 251 -24.96 -1.45 -31.96
C HIS B 251 -25.70 -2.17 -33.09
N PRO B 252 -27.04 -2.09 -33.11
CA PRO B 252 -27.83 -2.76 -34.14
C PRO B 252 -27.57 -2.31 -35.58
N LYS B 253 -26.77 -1.26 -35.77
CA LYS B 253 -26.52 -0.78 -37.12
C LYS B 253 -25.04 -0.63 -37.43
N TYR B 254 -24.28 -0.06 -36.49
CA TYR B 254 -22.86 0.13 -36.67
C TYR B 254 -22.14 -1.06 -36.06
N GLU B 255 -21.76 -2.02 -36.89
CA GLU B 255 -21.09 -3.21 -36.36
C GLU B 255 -19.68 -2.90 -35.87
N TRP B 256 -19.25 -1.64 -36.00
CA TRP B 256 -17.94 -1.26 -35.50
C TRP B 256 -18.07 -0.90 -34.02
N PHE B 257 -19.30 -0.93 -33.50
CA PHE B 257 -19.51 -0.58 -32.11
C PHE B 257 -18.81 -1.59 -31.18
N GLN B 258 -18.87 -2.88 -31.54
CA GLN B 258 -18.25 -3.93 -30.76
C GLN B 258 -16.76 -3.67 -30.65
N GLU B 259 -16.18 -3.17 -31.73
CA GLU B 259 -14.74 -2.89 -31.76
C GLU B 259 -14.27 -1.99 -30.63
N LEU B 260 -15.23 -1.35 -29.95
CA LEU B 260 -14.90 -0.47 -28.81
C LEU B 260 -14.61 -1.39 -27.63
N GLY B 261 -15.08 -2.63 -27.74
CA GLY B 261 -14.86 -3.63 -26.69
C GLY B 261 -15.53 -3.38 -25.36
N LEU B 262 -16.63 -2.63 -25.37
CA LEU B 262 -17.34 -2.30 -24.14
C LEU B 262 -18.26 -3.40 -23.60
N LYS B 263 -18.61 -3.26 -22.33
CA LYS B 263 -19.50 -4.18 -21.67
C LYS B 263 -19.75 -3.60 -20.29
N TRP B 264 -20.82 -4.04 -19.65
CA TRP B 264 -21.15 -3.58 -18.31
C TRP B 264 -21.87 -4.72 -17.60
N TYR B 265 -21.89 -4.68 -16.27
CA TYR B 265 -22.57 -5.72 -15.52
C TYR B 265 -24.07 -5.48 -15.59
N ALA B 266 -24.84 -6.54 -15.47
CA ALA B 266 -26.28 -6.44 -15.55
C ALA B 266 -26.94 -6.05 -14.24
N LEU B 267 -26.21 -6.15 -13.14
CA LEU B 267 -26.77 -5.88 -11.82
C LEU B 267 -26.32 -4.64 -11.06
N PRO B 268 -27.22 -3.65 -10.92
CA PRO B 268 -26.93 -2.40 -10.19
C PRO B 268 -27.39 -2.60 -8.75
N ALA B 269 -26.43 -2.76 -7.85
CA ALA B 269 -26.76 -2.99 -6.44
C ALA B 269 -26.00 -2.06 -5.50
N VAL B 270 -26.71 -1.10 -4.93
CA VAL B 270 -26.10 -0.17 -4.00
C VAL B 270 -25.70 -1.00 -2.78
N ALA B 271 -24.46 -0.85 -2.35
CA ALA B 271 -23.96 -1.64 -1.25
C ALA B 271 -23.64 -0.92 0.03
N ASN B 272 -23.42 0.39 -0.04
CA ASN B 272 -23.02 1.19 1.13
C ASN B 272 -24.05 2.09 1.80
N MET B 273 -25.33 1.85 1.55
CA MET B 273 -26.38 2.66 2.14
C MET B 273 -26.78 2.15 3.54
N LEU B 274 -27.31 3.03 4.39
CA LEU B 274 -27.74 2.65 5.74
C LEU B 274 -29.24 2.80 5.87
N LEU B 275 -29.89 1.78 6.41
CA LEU B 275 -31.33 1.80 6.62
C LEU B 275 -31.69 2.23 8.03
N GLU B 276 -32.55 3.23 8.13
CA GLU B 276 -33.00 3.74 9.42
C GLU B 276 -34.50 3.51 9.56
N VAL B 277 -34.89 2.88 10.65
CA VAL B 277 -36.29 2.60 10.90
C VAL B 277 -36.54 2.51 12.39
N GLY B 278 -37.55 3.22 12.85
CA GLY B 278 -37.89 3.22 14.27
C GLY B 278 -36.70 3.32 15.20
N GLY B 279 -35.84 4.32 14.98
CA GLY B 279 -34.69 4.47 15.84
C GLY B 279 -33.55 3.53 15.57
N LEU B 280 -33.83 2.43 14.87
CA LEU B 280 -32.79 1.46 14.55
C LEU B 280 -32.04 1.83 13.27
N GLU B 281 -30.78 1.44 13.21
CA GLU B 281 -29.94 1.71 12.07
C GLU B 281 -29.30 0.42 11.55
N PHE B 282 -29.44 0.16 10.25
CA PHE B 282 -28.83 -1.03 9.65
C PHE B 282 -27.79 -0.52 8.66
N PRO B 283 -26.53 -0.37 9.11
CA PRO B 283 -25.45 0.11 8.25
C PRO B 283 -25.01 -0.79 7.11
N ALA B 284 -25.57 -1.99 7.05
CA ALA B 284 -25.25 -2.93 5.99
C ALA B 284 -26.53 -3.54 5.48
N CYS B 285 -26.94 -3.14 4.28
CA CYS B 285 -28.16 -3.66 3.68
C CYS B 285 -28.16 -3.45 2.17
N PRO B 286 -27.26 -4.15 1.46
CA PRO B 286 -27.20 -3.99 0.02
C PRO B 286 -28.54 -4.33 -0.64
N PHE B 287 -28.93 -3.52 -1.61
CA PHE B 287 -30.19 -3.72 -2.29
C PHE B 287 -29.97 -3.53 -3.78
N ASN B 288 -30.93 -3.96 -4.58
CA ASN B 288 -30.79 -3.82 -6.03
C ASN B 288 -32.12 -3.70 -6.75
N GLY B 289 -32.07 -3.07 -7.90
CA GLY B 289 -33.23 -2.94 -8.76
C GLY B 289 -32.66 -3.44 -10.07
N TRP B 290 -33.07 -2.85 -11.18
CA TRP B 290 -32.52 -3.21 -12.48
C TRP B 290 -32.13 -1.89 -13.09
N TYR B 291 -31.36 -1.93 -14.15
CA TYR B 291 -30.87 -0.74 -14.79
C TYR B 291 -31.84 0.09 -15.63
N MET B 292 -31.49 1.37 -15.75
CA MET B 292 -32.21 2.32 -16.56
C MET B 292 -31.13 2.69 -17.57
N GLY B 293 -31.41 2.41 -18.85
CA GLY B 293 -30.48 2.67 -19.92
C GLY B 293 -29.46 3.79 -19.78
N THR B 294 -29.94 5.01 -19.54
CA THR B 294 -29.07 6.18 -19.40
C THR B 294 -27.95 6.08 -18.36
N GLU B 295 -28.15 5.32 -17.29
CA GLU B 295 -27.11 5.20 -16.28
C GLU B 295 -25.82 4.68 -16.87
N ILE B 296 -25.93 3.69 -17.76
CA ILE B 296 -24.76 3.11 -18.40
C ILE B 296 -24.36 3.86 -19.66
N GLY B 297 -25.30 4.05 -20.56
CA GLY B 297 -25.00 4.74 -21.80
C GLY B 297 -24.53 6.16 -21.64
N VAL B 298 -25.15 6.89 -20.72
CA VAL B 298 -24.81 8.29 -20.52
C VAL B 298 -23.81 8.58 -19.39
N ARG B 299 -24.13 8.16 -18.18
CA ARG B 299 -23.23 8.43 -17.06
C ARG B 299 -21.94 7.59 -17.05
N ASP B 300 -22.09 6.28 -16.99
CA ASP B 300 -20.93 5.40 -16.94
C ASP B 300 -19.98 5.45 -18.15
N PHE B 301 -20.53 5.55 -19.36
CA PHE B 301 -19.71 5.61 -20.56
C PHE B 301 -19.30 7.00 -21.06
N CYS B 302 -20.13 8.01 -20.84
CA CYS B 302 -19.82 9.36 -21.32
C CYS B 302 -19.31 10.41 -20.34
N ASP B 303 -19.54 10.23 -19.05
CA ASP B 303 -19.03 11.21 -18.07
C ASP B 303 -17.53 11.30 -18.28
N THR B 304 -16.99 12.52 -18.33
CA THR B 304 -15.55 12.65 -18.51
C THR B 304 -14.84 11.95 -17.34
N GLN B 305 -15.48 11.91 -16.17
CA GLN B 305 -14.90 11.29 -14.99
C GLN B 305 -15.09 9.76 -14.94
N ARG B 306 -15.62 9.19 -16.01
CA ARG B 306 -15.78 7.75 -16.06
C ARG B 306 -15.07 7.25 -17.31
N TYR B 307 -15.69 6.33 -18.06
CA TYR B 307 -15.03 5.79 -19.24
C TYR B 307 -14.82 6.77 -20.39
N ASN B 308 -15.40 7.96 -20.26
CA ASN B 308 -15.24 9.06 -21.23
C ASN B 308 -15.00 8.62 -22.68
N ILE B 309 -16.00 7.94 -23.26
CA ILE B 309 -15.91 7.41 -24.62
C ILE B 309 -16.66 8.22 -25.67
N LEU B 310 -17.17 9.39 -25.32
CA LEU B 310 -17.94 10.15 -26.28
C LEU B 310 -17.20 10.65 -27.54
N GLU B 311 -15.98 11.13 -27.41
CA GLU B 311 -15.31 11.60 -28.62
C GLU B 311 -14.99 10.42 -29.52
N GLU B 312 -14.55 9.34 -28.89
CA GLU B 312 -14.21 8.12 -29.59
C GLU B 312 -15.35 7.70 -30.50
N VAL B 313 -16.57 7.73 -29.97
CA VAL B 313 -17.76 7.32 -30.72
C VAL B 313 -18.13 8.32 -31.79
N GLY B 314 -17.79 9.58 -31.54
CA GLY B 314 -18.09 10.61 -32.51
C GLY B 314 -17.22 10.42 -33.76
N ARG B 315 -15.92 10.19 -33.55
CA ARG B 315 -15.01 9.99 -34.66
C ARG B 315 -15.46 8.82 -35.54
N ARG B 316 -15.73 7.68 -34.91
CA ARG B 316 -16.18 6.53 -35.68
C ARG B 316 -17.47 6.81 -36.42
N MET B 317 -18.23 7.80 -35.98
CA MET B 317 -19.48 8.15 -36.67
C MET B 317 -19.14 9.19 -37.73
N GLY B 318 -17.86 9.59 -37.75
CA GLY B 318 -17.42 10.58 -38.70
C GLY B 318 -18.22 11.88 -38.57
N LEU B 319 -18.25 12.43 -37.36
CA LEU B 319 -18.97 13.67 -37.08
C LEU B 319 -17.96 14.78 -36.88
N GLU B 320 -18.43 16.04 -36.94
CA GLU B 320 -17.56 17.21 -36.76
C GLU B 320 -17.18 17.32 -35.28
N THR B 321 -16.42 16.34 -34.81
CA THR B 321 -15.97 16.28 -33.44
C THR B 321 -15.21 17.50 -32.94
N HIS B 322 -14.77 18.36 -33.85
CA HIS B 322 -14.05 19.56 -33.41
C HIS B 322 -14.87 20.84 -33.44
N THR B 323 -16.15 20.69 -33.76
CA THR B 323 -17.05 21.81 -33.80
C THR B 323 -18.19 21.55 -32.82
N LEU B 324 -17.98 22.01 -31.58
CA LEU B 324 -18.94 21.83 -30.50
C LEU B 324 -20.38 22.18 -30.86
N ALA B 325 -20.54 23.14 -31.76
CA ALA B 325 -21.86 23.59 -32.18
C ALA B 325 -22.58 22.68 -33.16
N SER B 326 -21.90 21.71 -33.75
CA SER B 326 -22.55 20.82 -34.71
C SER B 326 -23.53 19.89 -34.01
N LEU B 327 -23.47 19.91 -32.68
CA LEU B 327 -24.33 19.06 -31.86
C LEU B 327 -23.94 17.59 -32.02
N TRP B 328 -22.68 17.33 -32.36
CA TRP B 328 -22.23 15.96 -32.54
C TRP B 328 -22.35 15.11 -31.28
N LYS B 329 -22.20 15.75 -30.12
CA LYS B 329 -22.30 15.03 -28.87
C LYS B 329 -23.72 14.47 -28.69
N ASP B 330 -24.72 15.23 -29.14
CA ASP B 330 -26.10 14.76 -29.03
C ASP B 330 -26.31 13.52 -29.87
N ARG B 331 -25.64 13.48 -31.02
CA ARG B 331 -25.74 12.36 -31.95
C ARG B 331 -25.11 11.10 -31.41
N ALA B 332 -23.92 11.25 -30.85
CA ALA B 332 -23.19 10.11 -30.29
C ALA B 332 -23.89 9.51 -29.08
N VAL B 333 -24.13 10.33 -28.06
CA VAL B 333 -24.77 9.87 -26.84
C VAL B 333 -26.06 9.11 -27.13
N THR B 334 -26.77 9.49 -28.19
CA THR B 334 -28.01 8.80 -28.52
C THR B 334 -27.73 7.41 -29.08
N GLU B 335 -26.70 7.31 -29.91
CA GLU B 335 -26.33 6.03 -30.50
C GLU B 335 -25.81 5.06 -29.43
N ILE B 336 -25.11 5.60 -28.44
CA ILE B 336 -24.61 4.81 -27.34
C ILE B 336 -25.78 4.31 -26.48
N ASN B 337 -26.78 5.16 -26.29
CA ASN B 337 -27.95 4.75 -25.50
C ASN B 337 -28.70 3.63 -26.20
N VAL B 338 -28.74 3.71 -27.53
CA VAL B 338 -29.41 2.72 -28.36
C VAL B 338 -28.69 1.38 -28.27
N ALA B 339 -27.35 1.43 -28.25
CA ALA B 339 -26.54 0.24 -28.16
C ALA B 339 -26.81 -0.46 -26.84
N VAL B 340 -26.72 0.29 -25.75
CA VAL B 340 -26.95 -0.25 -24.42
C VAL B 340 -28.31 -0.97 -24.32
N LEU B 341 -29.37 -0.29 -24.72
CA LEU B 341 -30.70 -0.90 -24.68
C LEU B 341 -30.71 -2.14 -25.58
N HIS B 342 -30.26 -1.98 -26.81
CA HIS B 342 -30.24 -3.09 -27.76
C HIS B 342 -29.48 -4.32 -27.22
N SER B 343 -28.31 -4.07 -26.66
CA SER B 343 -27.46 -5.12 -26.11
C SER B 343 -28.10 -5.88 -24.94
N PHE B 344 -28.78 -5.17 -24.05
CA PHE B 344 -29.42 -5.85 -22.93
C PHE B 344 -30.58 -6.74 -23.38
N GLN B 345 -31.42 -6.22 -24.26
CA GLN B 345 -32.58 -6.94 -24.77
C GLN B 345 -32.13 -8.15 -25.58
N LYS B 346 -31.06 -7.94 -26.34
CA LYS B 346 -30.46 -8.97 -27.17
C LYS B 346 -30.00 -10.16 -26.32
N GLN B 347 -29.47 -9.87 -25.13
CA GLN B 347 -28.99 -10.91 -24.22
C GLN B 347 -30.04 -11.23 -23.18
N ASN B 348 -31.27 -10.76 -23.43
CA ASN B 348 -32.39 -10.99 -22.54
C ASN B 348 -32.21 -10.47 -21.12
N VAL B 349 -31.47 -9.37 -20.97
CA VAL B 349 -31.27 -8.79 -19.65
C VAL B 349 -32.22 -7.62 -19.43
N THR B 350 -32.97 -7.71 -18.34
CA THR B 350 -33.93 -6.68 -17.98
C THR B 350 -33.30 -5.32 -17.97
N ILE B 351 -33.94 -4.38 -18.67
CA ILE B 351 -33.47 -3.01 -18.71
C ILE B 351 -34.66 -2.10 -18.99
N MET B 352 -34.49 -0.82 -18.74
CA MET B 352 -35.55 0.15 -18.93
C MET B 352 -35.01 1.46 -19.48
N ASP B 353 -35.64 1.95 -20.55
CA ASP B 353 -35.24 3.21 -21.16
C ASP B 353 -35.76 4.35 -20.28
N HIS B 354 -35.07 5.49 -20.32
CA HIS B 354 -35.46 6.63 -19.49
C HIS B 354 -36.85 7.21 -19.75
N HIS B 355 -37.34 7.11 -20.96
CA HIS B 355 -38.67 7.65 -21.27
C HIS B 355 -39.73 6.84 -20.53
N THR B 356 -39.66 5.53 -20.68
CA THR B 356 -40.61 4.64 -20.01
C THR B 356 -40.48 4.83 -18.51
N ALA B 357 -39.27 5.08 -18.04
CA ALA B 357 -39.01 5.29 -16.62
C ALA B 357 -39.71 6.52 -16.06
N SER B 358 -39.62 7.65 -16.77
CA SER B 358 -40.27 8.90 -16.34
C SER B 358 -41.76 8.68 -16.32
N GLU B 359 -42.24 8.06 -17.38
CA GLU B 359 -43.66 7.79 -17.53
C GLU B 359 -44.18 7.00 -16.34
N SER B 360 -43.50 5.93 -15.97
CA SER B 360 -43.98 5.13 -14.85
C SER B 360 -43.80 5.86 -13.53
N PHE B 361 -42.78 6.71 -13.43
CA PHE B 361 -42.61 7.45 -12.18
C PHE B 361 -43.77 8.41 -12.01
N MET B 362 -44.23 9.00 -13.11
CA MET B 362 -45.36 9.92 -13.04
C MET B 362 -46.61 9.21 -12.56
N LYS B 363 -46.73 7.93 -12.89
CA LYS B 363 -47.90 7.16 -12.46
C LYS B 363 -47.75 6.92 -10.96
N HIS B 364 -46.56 6.54 -10.56
CA HIS B 364 -46.27 6.29 -9.15
C HIS B 364 -46.55 7.54 -8.33
N MET B 365 -46.05 8.67 -8.82
CA MET B 365 -46.24 9.92 -8.12
C MET B 365 -47.73 10.25 -7.97
N GLN B 366 -48.51 9.97 -9.01
CA GLN B 366 -49.95 10.23 -8.97
C GLN B 366 -50.59 9.32 -7.93
N ASN B 367 -50.20 8.05 -7.93
CA ASN B 367 -50.74 7.09 -6.96
C ASN B 367 -50.39 7.50 -5.54
N GLU B 368 -49.18 8.02 -5.34
CA GLU B 368 -48.75 8.43 -4.02
C GLU B 368 -49.48 9.65 -3.47
N TYR B 369 -49.84 10.60 -4.35
CA TYR B 369 -50.54 11.78 -3.86
C TYR B 369 -51.95 11.43 -3.42
N ARG B 370 -52.51 10.40 -4.03
CA ARG B 370 -53.85 9.94 -3.67
C ARG B 370 -53.77 9.03 -2.45
N ALA B 371 -52.74 8.18 -2.42
CA ALA B 371 -52.57 7.25 -1.31
C ALA B 371 -52.23 7.94 0.00
N ARG B 372 -51.26 8.85 -0.02
CA ARG B 372 -50.87 9.54 1.21
C ARG B 372 -50.62 11.03 1.10
N GLY B 373 -51.16 11.66 0.06
CA GLY B 373 -50.98 13.09 -0.11
C GLY B 373 -49.54 13.56 -0.15
N GLY B 374 -48.68 12.85 -0.89
CA GLY B 374 -47.29 13.24 -1.00
C GLY B 374 -46.36 12.18 -1.57
N CYS B 375 -45.21 12.62 -2.08
CA CYS B 375 -44.22 11.73 -2.66
C CYS B 375 -42.93 12.52 -2.61
N PRO B 376 -42.07 12.25 -1.61
CA PRO B 376 -40.82 13.00 -1.57
C PRO B 376 -40.06 12.76 -2.87
N ALA B 377 -39.73 13.83 -3.58
CA ALA B 377 -39.05 13.67 -4.86
C ALA B 377 -37.96 14.73 -5.10
N ASP B 378 -36.78 14.26 -5.52
CA ASP B 378 -35.66 15.13 -5.81
C ASP B 378 -35.63 15.31 -7.33
N TRP B 379 -36.12 16.46 -7.78
CA TRP B 379 -36.18 16.78 -9.20
C TRP B 379 -34.83 16.60 -9.88
N ILE B 380 -33.78 17.10 -9.25
CA ILE B 380 -32.43 17.02 -9.81
C ILE B 380 -31.95 15.60 -10.10
N TRP B 381 -32.44 14.62 -9.34
CA TRP B 381 -32.05 13.24 -9.57
C TRP B 381 -33.06 12.48 -10.43
N LEU B 382 -34.33 12.85 -10.37
CA LEU B 382 -35.35 12.14 -11.13
C LEU B 382 -35.37 12.46 -12.63
N VAL B 383 -34.91 13.66 -13.00
CA VAL B 383 -34.87 14.02 -14.41
C VAL B 383 -33.67 13.33 -15.05
N PRO B 384 -33.88 12.59 -16.14
CA PRO B 384 -32.81 11.88 -16.85
C PRO B 384 -31.68 12.81 -17.28
N PRO B 385 -30.46 12.28 -17.43
CA PRO B 385 -29.29 13.06 -17.85
C PRO B 385 -29.25 13.45 -19.33
N VAL B 386 -30.30 13.11 -20.06
CA VAL B 386 -30.45 13.46 -21.46
C VAL B 386 -31.95 13.52 -21.70
N SER B 387 -32.39 14.31 -22.67
CA SER B 387 -33.80 14.42 -23.00
C SER B 387 -34.68 14.96 -21.89
N GLY B 388 -34.10 15.75 -20.99
CA GLY B 388 -34.85 16.32 -19.88
C GLY B 388 -36.29 16.73 -20.14
N SER B 389 -36.49 17.86 -20.82
CA SER B 389 -37.83 18.35 -21.07
C SER B 389 -38.68 17.45 -21.97
N ILE B 390 -38.05 16.44 -22.56
CA ILE B 390 -38.77 15.51 -23.42
C ILE B 390 -39.52 14.48 -22.56
N THR B 391 -39.17 14.41 -21.29
CA THR B 391 -39.82 13.47 -20.37
C THR B 391 -40.80 14.29 -19.53
N PRO B 392 -41.89 13.67 -19.06
CA PRO B 392 -42.89 14.37 -18.25
C PRO B 392 -42.39 14.83 -16.88
N VAL B 393 -41.43 14.10 -16.32
CA VAL B 393 -40.90 14.43 -15.02
C VAL B 393 -40.33 15.84 -14.94
N PHE B 394 -39.73 16.29 -16.04
CA PHE B 394 -39.13 17.62 -16.12
C PHE B 394 -40.11 18.77 -15.85
N HIS B 395 -41.36 18.61 -16.30
CA HIS B 395 -42.39 19.63 -16.13
C HIS B 395 -43.18 19.50 -14.84
N GLN B 396 -42.75 18.60 -13.98
CA GLN B 396 -43.42 18.36 -12.71
C GLN B 396 -42.75 18.99 -11.51
N GLU B 397 -43.48 19.85 -10.79
CA GLU B 397 -42.92 20.46 -9.60
C GLU B 397 -42.98 19.40 -8.52
N MET B 398 -42.02 19.44 -7.60
CA MET B 398 -41.97 18.48 -6.50
C MET B 398 -41.27 19.02 -5.25
N LEU B 399 -41.53 18.36 -4.13
CA LEU B 399 -40.94 18.74 -2.86
C LEU B 399 -40.01 17.61 -2.45
N ASN B 400 -38.86 17.97 -1.91
CA ASN B 400 -37.91 16.98 -1.47
C ASN B 400 -37.72 17.07 0.04
N TYR B 401 -38.17 16.06 0.77
CA TYR B 401 -38.04 16.02 2.23
C TYR B 401 -37.68 14.62 2.69
N VAL B 402 -37.12 14.53 3.90
CA VAL B 402 -36.69 13.26 4.47
C VAL B 402 -37.65 12.69 5.51
N LEU B 403 -38.30 11.58 5.16
CA LEU B 403 -39.23 10.88 6.05
C LEU B 403 -38.50 9.72 6.75
N SER B 404 -39.27 8.82 7.36
CA SER B 404 -38.71 7.66 8.04
C SER B 404 -39.73 6.52 7.91
N PRO B 405 -39.27 5.30 7.56
CA PRO B 405 -37.94 4.78 7.23
C PRO B 405 -37.25 5.52 6.07
N PHE B 406 -35.92 5.41 6.01
CA PHE B 406 -35.17 6.10 4.98
C PHE B 406 -33.79 5.47 4.74
N TYR B 407 -33.26 5.61 3.54
CA TYR B 407 -31.94 5.09 3.20
C TYR B 407 -30.96 6.26 3.17
N TYR B 408 -30.06 6.30 4.14
CA TYR B 408 -29.07 7.37 4.25
C TYR B 408 -27.73 6.98 3.66
N TYR B 409 -26.88 7.99 3.51
CA TYR B 409 -25.52 7.76 3.04
C TYR B 409 -24.72 7.55 4.32
N GLN B 410 -23.46 7.17 4.18
CA GLN B 410 -22.58 6.96 5.32
C GLN B 410 -21.19 7.46 4.97
N ILE B 411 -20.37 7.75 5.96
CA ILE B 411 -19.03 8.20 5.67
C ILE B 411 -18.29 6.96 5.22
N GLU B 412 -17.40 7.14 4.24
CA GLU B 412 -16.58 6.06 3.71
C GLU B 412 -15.98 5.31 4.90
N PRO B 413 -16.28 4.00 5.05
CA PRO B 413 -15.77 3.21 6.18
C PRO B 413 -14.27 3.30 6.46
N TRP B 414 -13.44 3.41 5.43
CA TRP B 414 -12.01 3.50 5.65
C TRP B 414 -11.55 4.83 6.25
N LYS B 415 -12.45 5.81 6.31
CA LYS B 415 -12.12 7.11 6.88
C LYS B 415 -12.43 7.14 8.37
N THR B 416 -13.14 6.13 8.88
CA THR B 416 -13.53 6.10 10.29
C THR B 416 -13.35 4.74 10.97
N HIS B 417 -12.55 3.86 10.39
CA HIS B 417 -12.35 2.54 10.96
C HIS B 417 -11.09 2.44 11.82
N ILE B 418 -11.23 1.83 13.00
CA ILE B 418 -10.07 1.63 13.89
C ILE B 418 -9.59 0.21 13.65
N TRP B 419 -8.41 0.06 13.06
CA TRP B 419 -7.85 -1.26 12.79
C TRP B 419 -7.40 -1.93 14.09
C CYN C . 32.63 -2.51 2.42
N CYN C . 31.63 -1.95 2.24
ZN ZN D . 32.22 -22.58 13.07
CHA HEM E . 32.06 -5.98 3.17
CHB HEM E . 35.16 -4.28 -0.03
CHC HEM E . 35.50 -0.26 2.55
CHD HEM E . 33.05 -2.34 6.12
C1A HEM E . 32.73 -5.78 2.00
C2A HEM E . 32.60 -6.57 0.81
C3A HEM E . 33.54 -6.16 -0.06
C4A HEM E . 34.19 -5.05 0.57
CMA HEM E . 33.89 -6.84 -1.36
CAA HEM E . 31.55 -7.60 0.48
CBA HEM E . 30.19 -7.01 0.14
CGA HEM E . 29.20 -8.08 -0.28
O1A HEM E . 28.02 -7.74 -0.52
O2A HEM E . 29.61 -9.24 -0.37
C1B HEM E . 35.67 -3.11 0.47
C2B HEM E . 36.57 -2.25 -0.26
C3B HEM E . 36.62 -1.10 0.41
C4B HEM E . 35.79 -1.26 1.60
CMB HEM E . 37.34 -2.57 -1.54
CAB HEM E . 37.24 0.04 -0.10
CBB HEM E . 38.46 0.58 0.42
C1C HEM E . 34.76 -0.44 3.73
C2C HEM E . 34.53 0.58 4.74
C3C HEM E . 33.93 -0.03 5.80
C4C HEM E . 33.76 -1.41 5.40
CMC HEM E . 34.94 2.05 4.67
CAC HEM E . 33.53 0.48 7.02
CBC HEM E . 34.04 1.68 7.67
C1D HEM E . 32.66 -3.59 5.68
C2D HEM E . 31.63 -4.38 6.34
C3D HEM E . 31.31 -5.37 5.48
C4D HEM E . 32.12 -5.20 4.31
CMD HEM E . 30.96 -4.07 7.67
CAD HEM E . 30.21 -6.38 5.70
CBD HEM E . 29.01 -6.00 4.85
CGD HEM E . 27.87 -6.98 5.00
O1D HEM E . 26.88 -6.85 4.26
O2D HEM E . 27.98 -7.88 5.85
NA HEM E . 33.68 -4.80 1.84
NB HEM E . 35.26 -2.52 1.65
NC HEM E . 34.28 -1.65 4.13
ND HEM E . 32.95 -4.09 4.44
FE HEM E . 34.23 -3.36 3.09
N1 H4B F . 30.57 -13.70 0.20
C2 H4B F . 30.37 -12.37 -0.02
N2 H4B F . 31.36 -11.50 -0.13
N3 H4B F . 29.08 -11.95 -0.12
C4 H4B F . 27.93 -12.78 -0.03
O4 H4B F . 26.82 -12.26 -0.14
C4A H4B F . 28.23 -14.14 0.21
C8A H4B F . 29.53 -14.61 0.31
N5 H4B F . 27.11 -15.08 0.32
N8 H4B F . 29.82 -15.90 0.53
C6 H4B F . 27.45 -16.30 1.17
C7 H4B F . 28.73 -16.90 0.66
C9 H4B F . 26.21 -17.19 1.16
O9 H4B F . 25.85 -17.57 -0.15
C10 H4B F . 26.40 -18.48 1.99
C11 H4B F . 25.18 -19.34 1.98
O10 H4B F . 26.75 -18.05 3.30
N ARG G . 28.20 -6.05 -3.07
CA ARG G . 27.33 -4.92 -2.71
C ARG G . 26.53 -4.41 -3.92
O ARG G . 26.92 -4.60 -5.08
CB ARG G . 28.16 -3.76 -2.11
CG ARG G . 28.58 -3.95 -0.65
CD ARG G . 29.71 -2.99 -0.29
NE ARG G . 30.88 -3.21 -1.13
CZ ARG G . 32.00 -2.47 -1.10
NH1 ARG G . 32.12 -1.45 -0.27
NH2 ARG G . 32.99 -2.76 -1.94
ZN ZN H . -33.74 23.95 -1.61
CHA HEM I . -31.42 5.70 -6.97
CHB HEM I . -33.55 3.27 -10.50
CHC HEM I . -34.78 -0.06 -7.37
CHD HEM I . -33.33 2.67 -3.77
C1A HEM I . -31.76 5.27 -8.23
C2A HEM I . -31.26 5.85 -9.48
C3A HEM I . -31.93 5.20 -10.45
C4A HEM I . -32.74 4.18 -9.81
CMA HEM I . -31.93 5.62 -11.92
CAA HEM I . -30.16 6.85 -9.74
CBA HEM I . -28.80 6.22 -9.53
CGA HEM I . -27.65 7.13 -9.91
O1A HEM I . -26.53 6.92 -9.42
O2A HEM I . -27.86 8.07 -10.71
C1B HEM I . -34.24 2.22 -9.95
C2B HEM I . -34.93 1.20 -10.71
C3B HEM I . -35.28 0.23 -9.87
C4B HEM I . -34.82 0.68 -8.53
CMB HEM I . -35.24 1.22 -12.22
CAB HEM I . -35.73 -1.00 -10.30
CBB HEM I . -36.64 -1.90 -9.67
C1C HEM I . -34.40 0.33 -6.13
C2C HEM I . -34.51 -0.46 -4.91
C3C HEM I . -34.21 0.34 -3.85
C4C HEM I . -33.84 1.60 -4.45
CMC HEM I . -34.93 -1.92 -4.82
CAC HEM I . -34.31 0.07 -2.49
CBC HEM I . -35.09 -0.97 -1.85
C1D HEM I . -32.80 3.81 -4.34
C2D HEM I . -32.03 4.75 -3.59
C3D HEM I . -31.39 5.56 -4.47
C4D HEM I . -31.84 5.14 -5.79
CMD HEM I . -32.04 4.82 -2.06
CAD HEM I . -30.33 6.62 -4.15
CBD HEM I . -28.94 6.16 -4.53
CGD HEM I . -27.91 7.27 -4.40
O1D HEM I . -26.73 7.04 -4.75
O2D HEM I . -28.28 8.36 -3.95
NA HEM I . -32.63 4.22 -8.46
NB HEM I . -34.24 1.92 -8.61
NC HEM I . -33.98 1.58 -5.85
ND HEM I . -32.70 4.06 -5.70
FE HEM I . -33.58 3.03 -7.10
N1 H4B J . -28.95 12.56 -11.04
C2 H4B J . -28.75 11.21 -10.90
N2 H4B J . -29.71 10.32 -11.09
N3 H4B J . -27.50 10.81 -10.55
C4 H4B J . -26.38 11.67 -10.32
O4 H4B J . -25.30 11.18 -10.01
C4A H4B J . -26.68 13.04 -10.48
C8A H4B J . -27.95 13.49 -10.83
N5 H4B J . -25.60 14.01 -10.27
N8 H4B J . -28.23 14.79 -10.99
C6 H4B J . -26.11 15.39 -9.84
C7 H4B J . -27.20 15.84 -10.79
C9 H4B J . -24.87 16.29 -9.72
O9 H4B J . -24.14 16.33 -10.93
C10 H4B J . -25.22 17.75 -9.31
C11 H4B J . -24.03 18.63 -9.19
O10 H4B J . -25.94 17.64 -8.08
N ARG K . -25.79 4.62 -11.04
CA ARG K . -25.34 3.24 -10.92
C ARG K . -24.87 2.73 -12.29
O ARG K . -23.84 2.06 -12.39
CB ARG K . -26.50 2.34 -10.42
CG ARG K . -27.26 2.88 -9.19
CD ARG K . -28.54 2.08 -8.97
NE ARG K . -29.34 2.00 -10.21
CZ ARG K . -30.47 1.31 -10.33
NH1 ARG K . -30.95 0.65 -9.29
NH2 ARG K . -31.11 1.29 -11.49
#